data_2YYA
#
_entry.id   2YYA
#
_cell.length_a   97.262
_cell.length_b   45.152
_cell.length_c   103.484
_cell.angle_alpha   90.00
_cell.angle_beta   103.87
_cell.angle_gamma   90.00
#
_symmetry.space_group_name_H-M   'P 1 21 1'
#
loop_
_entity.id
_entity.type
_entity.pdbx_description
1 polymer 'Phosphoribosylamine--glycine ligase'
2 water water
#
_entity_poly.entity_id   1
_entity_poly.type   'polypeptide(L)'
_entity_poly.pdbx_seq_one_letter_code
;MKVLVVGNGGREHAIAWKVAQSPLVKELYVAKGNAGIWEIAKRVDISPTDVEKLAEFAKNEGVDFTIVGPEAPLVEGIVD
EFEKRGLKIFGPNKEAAKLEGSKAFAKTFMKKYGIPTARYEVFTDFEKAKEYVEKVGAPIVVKADGLAAGKGAVVCETVE
KAIETLDRFLNKKIFGKSSERVVIEEFLEGEEASYIVMINGDRYVPLPTSQDHKRLLDEDKGPNTGGMGAYSPTPVINEE
VEKRIREEIVERVIKGLKEEGIYYRGFLYAGLMITKEGPKVLEFNVRLGDPEAQPILMRVKNDFLETLLNFYEGKDVHIK
EDERYALDVVLASRGYPEKPETGKIIHGLDYLKSMEDVVVFHAGTKKEGNFTVTSGGRVLNVCAYGKTLKEAKERAYEAI
RYVCFEGMHYRKDIGDKAFKYLSE
;
_entity_poly.pdbx_strand_id   A,B
#
# COMPACT_ATOMS: atom_id res chain seq x y z
N MET A 1 -16.54 -21.83 -11.97
CA MET A 1 -15.26 -21.18 -11.90
C MET A 1 -14.15 -22.02 -11.21
N LYS A 2 -12.97 -21.41 -11.07
CA LYS A 2 -11.81 -22.03 -10.62
C LYS A 2 -11.54 -21.34 -9.33
N VAL A 3 -11.70 -21.99 -8.18
CA VAL A 3 -11.48 -21.29 -6.85
C VAL A 3 -10.24 -21.87 -6.21
N LEU A 4 -9.52 -21.08 -5.47
CA LEU A 4 -8.27 -21.47 -4.81
C LEU A 4 -8.42 -21.14 -3.30
N VAL A 5 -8.00 -22.02 -2.35
CA VAL A 5 -8.04 -21.68 -0.89
C VAL A 5 -6.59 -21.65 -0.63
N VAL A 6 -6.17 -20.62 0.09
CA VAL A 6 -4.77 -20.61 0.63
C VAL A 6 -4.73 -20.96 2.05
N GLY A 7 -3.86 -21.92 2.37
CA GLY A 7 -3.69 -22.52 3.73
C GLY A 7 -3.61 -24.04 3.64
N ASN A 8 -3.20 -24.70 4.74
CA ASN A 8 -2.91 -26.11 4.89
C ASN A 8 -3.56 -26.81 6.01
N GLY A 9 -4.47 -26.17 6.67
CA GLY A 9 -4.83 -26.58 8.00
C GLY A 9 -6.31 -26.95 8.05
N GLY A 10 -6.86 -27.22 9.26
CA GLY A 10 -8.25 -27.75 9.38
C GLY A 10 -9.24 -26.64 8.96
N ARG A 11 -8.95 -25.35 9.37
CA ARG A 11 -9.73 -24.15 8.78
C ARG A 11 -9.91 -24.21 7.28
N GLU A 12 -8.86 -24.55 6.59
CA GLU A 12 -8.93 -24.43 5.20
C GLU A 12 -9.66 -25.57 4.56
N HIS A 13 -9.61 -26.73 5.23
CA HIS A 13 -10.45 -27.90 4.87
C HIS A 13 -11.92 -27.57 4.93
N ALA A 14 -12.25 -26.97 6.07
CA ALA A 14 -13.61 -26.32 6.26
C ALA A 14 -13.94 -25.42 5.11
N ILE A 15 -13.07 -24.45 4.77
CA ILE A 15 -13.34 -23.51 3.67
C ILE A 15 -13.58 -24.23 2.37
N ALA A 16 -12.72 -25.21 2.06
CA ALA A 16 -12.89 -25.92 0.77
C ALA A 16 -13.99 -26.87 0.81
N TRP A 17 -14.17 -27.56 1.93
CA TRP A 17 -15.40 -28.35 2.07
C TRP A 17 -16.74 -27.61 1.82
N LYS A 18 -16.89 -26.48 2.46
CA LYS A 18 -18.09 -25.74 2.29
C LYS A 18 -18.12 -25.20 0.84
N VAL A 19 -17.08 -24.59 0.35
CA VAL A 19 -17.04 -24.13 -0.96
C VAL A 19 -17.33 -25.25 -2.01
N ALA A 20 -16.87 -26.51 -1.82
CA ALA A 20 -16.96 -27.53 -2.90
C ALA A 20 -18.44 -27.80 -3.04
N GLN A 21 -19.19 -27.25 -2.08
CA GLN A 21 -20.64 -27.48 -2.09
C GLN A 21 -21.46 -26.66 -3.09
N SER A 22 -21.00 -25.44 -3.36
CA SER A 22 -21.51 -24.57 -4.37
C SER A 22 -21.47 -25.13 -5.78
N PRO A 23 -22.58 -25.14 -6.49
CA PRO A 23 -22.66 -25.60 -7.98
C PRO A 23 -21.95 -24.70 -9.07
N LEU A 24 -21.47 -23.54 -8.58
CA LEU A 24 -20.67 -22.52 -9.26
C LEU A 24 -19.23 -22.89 -9.48
N VAL A 25 -18.58 -23.61 -8.58
CA VAL A 25 -17.16 -23.99 -8.68
C VAL A 25 -17.01 -25.23 -9.53
N LYS A 26 -16.03 -25.23 -10.42
CA LYS A 26 -15.87 -26.37 -11.39
C LYS A 26 -14.46 -26.95 -11.20
N GLU A 27 -13.56 -26.19 -10.53
CA GLU A 27 -12.27 -26.66 -10.10
C GLU A 27 -11.72 -25.94 -8.92
N LEU A 28 -11.10 -26.70 -8.02
CA LEU A 28 -10.82 -26.27 -6.67
C LEU A 28 -9.38 -26.66 -6.52
N TYR A 29 -8.57 -25.67 -6.18
CA TYR A 29 -7.19 -25.78 -6.02
C TYR A 29 -6.94 -25.41 -4.51
N VAL A 30 -5.94 -26.00 -3.87
CA VAL A 30 -5.59 -25.52 -2.49
C VAL A 30 -4.00 -25.36 -2.41
N ALA A 31 -3.47 -24.38 -1.66
CA ALA A 31 -2.07 -24.09 -1.82
C ALA A 31 -1.52 -24.44 -0.58
N LYS A 32 -1.46 -25.79 -0.55
CA LYS A 32 -0.57 -26.87 -0.27
C LYS A 32 -1.64 -27.86 0.17
N GLY A 33 -2.41 -27.43 1.22
CA GLY A 33 -3.53 -28.38 1.52
C GLY A 33 -2.94 -29.34 2.50
N ASN A 34 -3.57 -30.53 2.71
CA ASN A 34 -3.15 -31.66 3.61
C ASN A 34 -3.88 -32.83 2.98
N ALA A 35 -3.56 -34.09 3.34
CA ALA A 35 -4.11 -35.28 2.63
C ALA A 35 -5.63 -35.27 2.45
N GLY A 36 -6.23 -34.52 3.38
CA GLY A 36 -7.71 -34.45 3.56
C GLY A 36 -8.24 -33.56 2.50
N ILE A 37 -7.67 -32.35 2.44
CA ILE A 37 -8.08 -31.43 1.32
C ILE A 37 -7.86 -32.00 -0.14
N TRP A 38 -6.75 -32.76 -0.33
CA TRP A 38 -6.43 -33.30 -1.64
C TRP A 38 -7.46 -34.23 -2.22
N GLU A 39 -8.38 -34.76 -1.45
CA GLU A 39 -9.48 -35.52 -1.98
C GLU A 39 -10.38 -34.62 -2.70
N ILE A 40 -10.33 -33.31 -2.36
CA ILE A 40 -11.29 -32.37 -3.04
C ILE A 40 -10.83 -31.26 -3.94
N ALA A 41 -9.56 -31.07 -4.16
CA ALA A 41 -8.99 -29.75 -4.52
C ALA A 41 -7.69 -30.16 -5.10
N LYS A 42 -7.25 -29.58 -6.20
CA LYS A 42 -5.87 -29.83 -6.66
C LYS A 42 -4.88 -29.17 -5.72
N ARG A 43 -3.94 -29.96 -5.25
CA ARG A 43 -2.86 -29.41 -4.63
C ARG A 43 -1.92 -28.65 -5.65
N VAL A 44 -1.59 -27.44 -5.18
CA VAL A 44 -0.60 -26.48 -5.68
C VAL A 44 0.48 -26.41 -4.63
N ASP A 45 1.65 -26.71 -5.08
CA ASP A 45 2.70 -26.92 -4.21
C ASP A 45 3.49 -25.62 -4.18
N ILE A 46 2.92 -24.53 -3.62
CA ILE A 46 3.57 -23.22 -3.44
C ILE A 46 3.19 -22.87 -2.06
N SER A 47 4.12 -22.36 -1.25
CA SER A 47 3.80 -22.11 0.16
C SER A 47 2.71 -21.02 0.26
N PRO A 48 1.81 -21.08 1.27
CA PRO A 48 0.91 -19.94 1.43
C PRO A 48 1.61 -18.55 1.54
N THR A 49 2.87 -18.50 2.02
CA THR A 49 3.45 -17.22 2.40
C THR A 49 4.43 -16.86 1.33
N ASP A 50 4.26 -17.46 0.17
CA ASP A 50 5.15 -17.24 -0.97
C ASP A 50 4.36 -16.39 -1.91
N VAL A 51 4.04 -15.19 -1.42
CA VAL A 51 2.87 -14.47 -1.92
C VAL A 51 2.91 -14.05 -3.44
N GLU A 52 4.13 -13.82 -4.00
CA GLU A 52 4.28 -13.44 -5.41
C GLU A 52 4.21 -14.57 -6.34
N LYS A 53 4.74 -15.73 -5.93
CA LYS A 53 4.62 -16.99 -6.73
C LYS A 53 3.17 -17.53 -6.70
N LEU A 54 2.51 -17.58 -5.53
CA LEU A 54 1.02 -17.62 -5.51
C LEU A 54 0.28 -16.76 -6.57
N ALA A 55 0.61 -15.46 -6.68
CA ALA A 55 -0.23 -14.57 -7.47
C ALA A 55 -0.03 -14.91 -8.91
N GLU A 56 1.22 -15.23 -9.27
CA GLU A 56 1.54 -15.47 -10.70
C GLU A 56 0.91 -16.78 -11.17
N PHE A 57 1.08 -17.83 -10.34
CA PHE A 57 0.34 -19.07 -10.48
C PHE A 57 -1.16 -18.84 -10.65
N ALA A 58 -1.80 -18.18 -9.68
CA ALA A 58 -3.27 -17.92 -9.84
C ALA A 58 -3.61 -17.13 -11.13
N LYS A 59 -2.83 -16.07 -11.41
CA LYS A 59 -2.82 -15.38 -12.79
C LYS A 59 -2.65 -16.26 -14.06
N ASN A 60 -1.55 -17.00 -14.24
CA ASN A 60 -1.42 -17.97 -15.40
C ASN A 60 -2.56 -18.99 -15.56
N GLU A 61 -2.82 -19.67 -14.45
CA GLU A 61 -3.92 -20.62 -14.25
C GLU A 61 -5.36 -20.14 -14.47
N GLY A 62 -5.64 -18.84 -14.36
CA GLY A 62 -7.06 -18.39 -14.52
C GLY A 62 -8.08 -18.53 -13.36
N VAL A 63 -7.48 -18.50 -12.15
CA VAL A 63 -8.19 -18.56 -10.87
C VAL A 63 -9.06 -17.34 -10.76
N ASP A 64 -10.35 -17.59 -11.00
CA ASP A 64 -11.55 -16.69 -10.90
C ASP A 64 -11.89 -16.22 -9.48
N PHE A 65 -11.39 -16.87 -8.45
CA PHE A 65 -11.66 -16.35 -7.06
C PHE A 65 -10.72 -17.12 -6.08
N THR A 66 -10.33 -16.54 -4.93
CA THR A 66 -9.38 -17.13 -4.03
C THR A 66 -9.75 -16.67 -2.64
N ILE A 67 -9.67 -17.54 -1.58
CA ILE A 67 -10.09 -17.12 -0.22
C ILE A 67 -8.82 -17.42 0.51
N VAL A 68 -8.39 -16.58 1.46
CA VAL A 68 -7.27 -16.86 2.32
C VAL A 68 -7.62 -17.42 3.63
N GLY A 69 -7.03 -18.57 4.02
CA GLY A 69 -7.08 -19.04 5.44
C GLY A 69 -6.21 -18.38 6.52
N PRO A 70 -4.89 -18.49 6.43
CA PRO A 70 -4.11 -18.11 7.64
C PRO A 70 -3.69 -16.59 7.71
N GLU A 71 -3.27 -16.11 8.92
CA GLU A 71 -2.90 -14.69 9.05
C GLU A 71 -1.64 -14.31 8.27
N ALA A 72 -0.66 -15.16 8.13
CA ALA A 72 0.65 -14.67 7.64
C ALA A 72 0.61 -14.32 6.21
N PRO A 73 0.07 -15.19 5.32
CA PRO A 73 -0.09 -14.57 3.99
C PRO A 73 -0.72 -13.12 3.90
N LEU A 74 -1.69 -12.83 4.79
CA LEU A 74 -2.65 -11.69 4.63
C LEU A 74 -1.79 -10.44 4.73
N VAL A 75 -1.14 -10.52 5.92
CA VAL A 75 -0.16 -9.64 6.54
C VAL A 75 1.07 -9.41 5.61
N GLU A 76 1.73 -10.47 5.16
CA GLU A 76 2.74 -10.25 4.13
C GLU A 76 2.21 -9.74 2.72
N GLY A 77 0.94 -9.31 2.58
CA GLY A 77 0.58 -8.65 1.35
C GLY A 77 0.14 -9.49 0.17
N ILE A 78 -0.31 -10.67 0.46
CA ILE A 78 -0.90 -11.49 -0.56
C ILE A 78 -1.94 -10.82 -1.34
N VAL A 79 -2.75 -9.99 -0.70
CA VAL A 79 -4.01 -9.40 -1.37
C VAL A 79 -3.59 -8.41 -2.43
N ASP A 80 -2.59 -7.62 -2.03
CA ASP A 80 -1.88 -6.59 -2.83
C ASP A 80 -1.31 -7.09 -4.17
N GLU A 81 -0.64 -8.23 -4.04
CA GLU A 81 -0.10 -9.05 -5.11
C GLU A 81 -1.14 -9.66 -5.99
N PHE A 82 -2.26 -10.03 -5.40
CA PHE A 82 -3.25 -10.68 -6.27
C PHE A 82 -3.81 -9.60 -7.13
N GLU A 83 -4.08 -8.44 -6.51
CA GLU A 83 -4.71 -7.38 -7.26
C GLU A 83 -3.80 -6.88 -8.43
N LYS A 84 -2.45 -7.04 -8.23
CA LYS A 84 -1.47 -6.45 -9.16
C LYS A 84 -1.80 -6.93 -10.59
N ARG A 85 -2.29 -8.16 -10.41
CA ARG A 85 -2.34 -9.22 -11.45
C ARG A 85 -3.78 -9.46 -11.88
N GLY A 86 -4.59 -8.41 -11.45
CA GLY A 86 -6.03 -8.27 -11.73
C GLY A 86 -6.97 -9.26 -11.05
N LEU A 87 -6.63 -9.65 -9.83
CA LEU A 87 -7.24 -10.93 -9.23
C LEU A 87 -8.28 -10.68 -8.15
N LYS A 88 -9.42 -11.36 -8.31
CA LYS A 88 -10.41 -11.33 -7.17
C LYS A 88 -9.94 -12.19 -5.99
N ILE A 89 -9.66 -11.55 -4.87
CA ILE A 89 -9.23 -12.29 -3.72
C ILE A 89 -9.89 -11.85 -2.38
N PHE A 90 -10.51 -12.77 -1.63
CA PHE A 90 -11.14 -12.40 -0.35
C PHE A 90 -10.10 -12.46 0.75
N GLY A 91 -9.98 -11.42 1.53
CA GLY A 91 -9.02 -11.32 2.60
C GLY A 91 -8.70 -9.83 2.62
N PRO A 92 -8.33 -9.25 3.83
CA PRO A 92 -7.65 -7.96 3.81
C PRO A 92 -6.32 -7.81 2.97
N ASN A 93 -6.13 -6.60 2.41
CA ASN A 93 -4.76 -6.10 2.10
C ASN A 93 -3.93 -5.87 3.40
N LYS A 94 -2.66 -5.60 3.12
CA LYS A 94 -1.48 -5.67 3.99
C LYS A 94 -1.61 -4.57 5.02
N GLU A 95 -2.13 -3.40 4.53
CA GLU A 95 -2.50 -2.20 5.34
C GLU A 95 -3.66 -2.58 6.26
N ALA A 96 -4.77 -3.06 5.72
CA ALA A 96 -5.82 -3.54 6.66
C ALA A 96 -5.38 -4.63 7.59
N ALA A 97 -4.45 -5.50 7.16
CA ALA A 97 -3.89 -6.64 8.02
C ALA A 97 -3.31 -6.29 9.41
N LYS A 98 -3.22 -5.01 9.69
CA LYS A 98 -2.37 -4.60 10.77
C LYS A 98 -3.21 -4.74 12.03
N LEU A 99 -4.54 -4.89 11.88
CA LEU A 99 -5.29 -5.09 13.08
C LEU A 99 -4.88 -6.39 13.83
N GLU A 100 -4.35 -7.39 13.12
CA GLU A 100 -3.80 -8.57 13.78
C GLU A 100 -2.27 -8.53 13.86
N GLY A 101 -1.71 -8.17 12.68
CA GLY A 101 -0.29 -8.23 12.36
C GLY A 101 0.59 -7.30 13.15
N SER A 102 0.00 -6.31 13.82
CA SER A 102 0.66 -5.56 14.90
C SER A 102 -0.35 -5.34 16.01
N LYS A 103 -0.10 -5.86 17.20
CA LYS A 103 -1.14 -5.71 18.25
C LYS A 103 -1.23 -4.28 18.76
N ALA A 104 -0.11 -3.59 18.86
CA ALA A 104 -0.16 -2.30 19.55
C ALA A 104 -0.87 -1.22 18.67
N PHE A 105 -0.98 -1.34 17.33
CA PHE A 105 -1.70 -0.66 16.25
C PHE A 105 -3.21 -0.62 16.51
N ALA A 106 -3.69 -1.84 16.86
CA ALA A 106 -5.06 -2.22 17.10
C ALA A 106 -5.65 -1.86 18.49
N LYS A 107 -4.80 -2.09 19.37
CA LYS A 107 -4.91 -1.48 20.70
C LYS A 107 -4.98 0.09 20.62
N THR A 108 -4.55 0.95 19.67
CA THR A 108 -4.42 2.36 19.53
C THR A 108 -5.62 2.73 18.72
N PHE A 109 -6.04 1.97 17.72
CA PHE A 109 -7.33 1.95 17.08
C PHE A 109 -8.52 1.95 18.07
N MET A 110 -8.45 0.79 18.74
CA MET A 110 -9.44 0.52 19.75
C MET A 110 -9.42 1.63 20.67
N LYS A 111 -8.33 2.23 21.19
CA LYS A 111 -8.70 3.31 22.14
C LYS A 111 -9.01 4.65 21.40
N LYS A 112 -8.18 5.01 20.46
CA LYS A 112 -8.51 6.13 19.61
C LYS A 112 -9.98 6.15 19.13
N TYR A 113 -10.80 5.17 19.51
CA TYR A 113 -12.09 4.98 18.83
C TYR A 113 -13.16 4.34 19.67
N GLY A 114 -12.83 4.07 20.94
CA GLY A 114 -13.84 3.77 21.92
C GLY A 114 -14.28 2.33 22.11
N ILE A 115 -13.48 1.39 21.56
CA ILE A 115 -13.88 -0.04 21.55
C ILE A 115 -13.42 -0.74 22.83
N PRO A 116 -14.39 -1.38 23.55
CA PRO A 116 -14.11 -2.03 24.84
C PRO A 116 -13.05 -3.10 24.67
N THR A 117 -12.03 -2.99 25.41
CA THR A 117 -10.76 -3.65 25.31
C THR A 117 -10.15 -3.48 26.70
N ALA A 118 -8.91 -4.04 26.86
CA ALA A 118 -8.30 -4.26 28.16
C ALA A 118 -7.22 -3.19 28.36
N ARG A 119 -7.05 -2.64 29.57
CA ARG A 119 -6.13 -1.50 29.71
C ARG A 119 -4.68 -1.78 29.16
N TYR A 120 -4.13 -0.89 28.34
CA TYR A 120 -2.88 -1.17 27.66
C TYR A 120 -1.81 -0.07 27.74
N GLU A 121 -0.56 -0.49 28.02
CA GLU A 121 0.65 0.29 27.74
C GLU A 121 1.45 -0.52 26.75
N VAL A 122 2.06 0.10 25.75
CA VAL A 122 2.89 -0.56 24.73
C VAL A 122 4.34 -0.15 24.95
N PHE A 123 5.28 -1.11 25.01
CA PHE A 123 6.69 -0.79 25.34
C PHE A 123 7.70 -1.32 24.34
N THR A 124 8.61 -0.45 23.86
CA THR A 124 9.81 -0.94 23.08
C THR A 124 11.20 -0.85 23.81
N ASP A 125 11.31 -0.26 25.02
CA ASP A 125 12.49 -0.43 25.92
C ASP A 125 12.20 -1.49 26.99
N PHE A 126 13.13 -2.47 27.10
CA PHE A 126 13.01 -3.51 28.17
C PHE A 126 12.95 -2.87 29.55
N GLU A 127 13.78 -1.87 29.85
CA GLU A 127 13.91 -1.30 31.22
C GLU A 127 12.64 -0.57 31.64
N LYS A 128 11.97 0.20 30.76
CA LYS A 128 10.74 1.02 31.00
C LYS A 128 9.51 0.14 31.14
N ALA A 129 9.39 -1.01 30.48
CA ALA A 129 8.46 -2.10 30.80
C ALA A 129 8.55 -2.55 32.27
N LYS A 130 9.64 -3.12 32.67
CA LYS A 130 10.14 -3.60 33.98
C LYS A 130 9.29 -3.04 35.13
N GLU A 131 9.15 -1.73 35.38
CA GLU A 131 8.65 -1.24 36.70
C GLU A 131 7.17 -0.94 36.64
N TYR A 132 6.59 -0.88 35.41
CA TYR A 132 5.13 -0.83 35.07
C TYR A 132 4.46 -2.15 35.43
N VAL A 133 5.21 -3.29 35.43
CA VAL A 133 4.67 -4.60 35.92
C VAL A 133 4.51 -4.59 37.43
N GLU A 134 5.50 -4.02 38.13
CA GLU A 134 5.53 -3.80 39.61
C GLU A 134 4.78 -2.53 39.98
N LYS A 135 4.59 -1.62 39.00
CA LYS A 135 3.77 -0.39 39.25
C LYS A 135 2.29 -0.74 39.35
N VAL A 136 1.64 -1.52 38.36
CA VAL A 136 0.20 -1.88 38.40
C VAL A 136 0.02 -3.37 38.73
N GLY A 137 1.02 -4.24 38.80
CA GLY A 137 0.99 -5.53 39.58
C GLY A 137 0.85 -6.88 38.89
N ALA A 138 0.26 -7.84 39.59
CA ALA A 138 -0.25 -9.09 39.09
C ALA A 138 -1.73 -9.11 39.59
N PRO A 139 -2.58 -9.10 38.56
CA PRO A 139 -2.73 -9.76 37.25
C PRO A 139 -1.51 -10.38 36.52
N ILE A 140 -0.71 -9.66 35.70
CA ILE A 140 -0.77 -9.08 34.33
C ILE A 140 -0.62 -9.97 33.05
N VAL A 141 -0.71 -9.38 31.80
CA VAL A 141 -0.58 -10.09 30.47
C VAL A 141 0.32 -9.37 29.45
N VAL A 142 1.26 -10.10 28.84
CA VAL A 142 2.44 -9.58 28.11
C VAL A 142 2.47 -10.13 26.66
N LYS A 143 2.37 -9.28 25.62
CA LYS A 143 2.22 -9.77 24.20
C LYS A 143 3.12 -9.21 23.13
N ALA A 144 3.79 -10.23 22.56
CA ALA A 144 4.46 -9.74 21.37
C ALA A 144 3.55 -8.92 20.38
N ASP A 145 4.11 -7.93 19.68
CA ASP A 145 3.43 -7.09 18.71
C ASP A 145 3.15 -7.79 17.32
N GLY A 146 4.03 -8.71 16.87
CA GLY A 146 3.79 -9.35 15.57
C GLY A 146 3.41 -10.82 15.70
N LEU A 147 3.23 -11.44 14.53
CA LEU A 147 2.91 -12.85 14.41
C LEU A 147 4.03 -13.72 15.04
N ALA A 148 3.65 -14.43 16.08
CA ALA A 148 4.54 -15.35 16.76
C ALA A 148 3.95 -16.80 16.65
N ALA A 149 3.19 -16.96 15.45
CA ALA A 149 2.47 -18.21 15.05
C ALA A 149 1.48 -18.65 16.16
N GLY A 150 0.59 -17.73 16.56
CA GLY A 150 -0.19 -17.87 17.77
C GLY A 150 0.64 -17.96 19.05
N LYS A 151 1.94 -18.17 18.93
CA LYS A 151 2.74 -18.56 20.08
C LYS A 151 3.20 -17.37 20.95
N GLY A 152 2.45 -16.27 20.82
CA GLY A 152 2.89 -14.94 21.32
C GLY A 152 2.31 -14.23 22.54
N ALA A 153 1.13 -14.59 23.03
CA ALA A 153 0.54 -13.96 24.19
C ALA A 153 0.78 -14.82 25.43
N VAL A 154 1.21 -14.18 26.53
CA VAL A 154 1.58 -14.86 27.81
C VAL A 154 0.76 -14.34 29.00
N VAL A 155 -0.25 -15.00 29.41
CA VAL A 155 -0.93 -14.67 30.71
C VAL A 155 0.13 -14.97 31.76
N CYS A 156 0.47 -13.97 32.59
CA CYS A 156 1.43 -14.13 33.71
C CYS A 156 0.74 -13.99 35.08
N GLU A 157 0.61 -15.01 35.97
CA GLU A 157 0.14 -15.19 37.33
C GLU A 157 0.99 -14.41 38.33
N THR A 158 2.27 -14.28 38.02
CA THR A 158 3.20 -13.55 38.89
C THR A 158 3.99 -12.51 38.11
N VAL A 159 4.45 -11.50 38.82
CA VAL A 159 5.29 -10.45 38.19
C VAL A 159 6.54 -11.06 37.57
N GLU A 160 7.10 -12.01 38.30
CA GLU A 160 8.35 -12.71 37.86
C GLU A 160 8.12 -13.42 36.53
N LYS A 161 6.97 -14.04 36.39
CA LYS A 161 6.66 -14.74 35.10
C LYS A 161 6.54 -13.74 33.96
N ALA A 162 5.99 -12.57 34.32
CA ALA A 162 5.81 -11.50 33.35
C ALA A 162 7.16 -10.96 32.87
N ILE A 163 8.04 -10.68 33.82
CA ILE A 163 9.38 -10.15 33.42
C ILE A 163 10.17 -11.21 32.66
N GLU A 164 9.98 -12.44 33.07
CA GLU A 164 10.65 -13.57 32.38
C GLU A 164 10.21 -13.67 30.93
N THR A 165 8.90 -13.43 30.76
CA THR A 165 8.30 -13.44 29.40
C THR A 165 8.83 -12.27 28.57
N LEU A 166 8.80 -11.10 29.21
CA LEU A 166 9.30 -9.89 28.51
C LEU A 166 10.76 -10.06 28.08
N ASP A 167 11.50 -10.75 28.91
CA ASP A 167 12.94 -10.99 28.64
C ASP A 167 13.13 -11.78 27.35
N ARG A 168 12.36 -12.85 27.23
CA ARG A 168 12.44 -13.72 26.02
C ARG A 168 12.00 -12.96 24.78
N PHE A 169 10.97 -12.14 24.93
CA PHE A 169 10.39 -11.37 23.79
C PHE A 169 11.29 -10.20 23.41
N LEU A 170 11.61 -9.32 24.34
CA LEU A 170 12.31 -8.04 24.04
C LEU A 170 13.83 -8.23 24.06
N ASN A 171 14.42 -8.93 24.98
CA ASN A 171 15.91 -9.05 25.04
C ASN A 171 16.40 -10.15 24.09
N LYS A 172 15.82 -11.31 24.20
CA LYS A 172 16.24 -12.47 23.37
C LYS A 172 15.65 -12.38 21.96
N LYS A 173 14.52 -11.72 21.82
CA LYS A 173 13.89 -11.58 20.48
C LYS A 173 13.61 -12.94 19.86
N ILE A 174 13.09 -13.85 20.66
CA ILE A 174 12.80 -15.26 20.24
C ILE A 174 11.94 -15.28 18.98
N PHE A 175 11.19 -14.05 19.17
CA PHE A 175 10.31 -13.95 18.02
C PHE A 175 10.80 -13.04 16.90
N GLY A 176 12.01 -12.68 16.94
CA GLY A 176 12.56 -11.78 15.93
C GLY A 176 11.98 -10.37 15.86
N LYS A 177 11.78 -9.91 14.60
CA LYS A 177 11.41 -8.52 14.27
C LYS A 177 10.02 -8.13 14.88
N SER A 178 9.28 -9.16 15.29
CA SER A 178 7.92 -9.09 15.80
C SER A 178 7.76 -9.18 17.37
N SER A 179 8.87 -9.43 18.09
CA SER A 179 8.89 -9.37 19.58
C SER A 179 9.54 -8.07 20.19
N GLU A 180 10.23 -7.32 19.32
CA GLU A 180 10.85 -6.03 19.73
C GLU A 180 9.85 -4.86 19.88
N ARG A 181 8.61 -5.17 20.27
CA ARG A 181 7.60 -4.18 20.73
C ARG A 181 6.56 -4.92 21.53
N VAL A 182 6.27 -4.52 22.76
CA VAL A 182 5.33 -5.34 23.56
C VAL A 182 3.94 -4.73 23.84
N VAL A 183 3.06 -5.47 24.50
CA VAL A 183 1.79 -4.92 24.93
C VAL A 183 1.56 -5.47 26.32
N ILE A 184 1.23 -4.58 27.26
CA ILE A 184 0.97 -5.03 28.60
C ILE A 184 -0.45 -4.58 28.99
N GLU A 185 -1.39 -5.54 28.96
CA GLU A 185 -2.82 -5.29 29.30
C GLU A 185 -3.23 -5.99 30.54
N GLU A 186 -4.30 -5.47 31.13
CA GLU A 186 -4.89 -6.04 32.31
C GLU A 186 -5.43 -7.44 32.02
N PHE A 187 -5.20 -8.35 32.97
CA PHE A 187 -5.92 -9.58 32.89
C PHE A 187 -7.49 -9.50 33.24
N LEU A 188 -8.35 -9.73 32.21
CA LEU A 188 -9.83 -9.76 32.32
C LEU A 188 -10.38 -11.11 32.61
N GLU A 189 -11.47 -11.14 33.40
CA GLU A 189 -12.25 -12.35 33.79
C GLU A 189 -13.71 -12.43 33.22
N GLY A 190 -14.15 -13.66 32.99
CA GLY A 190 -15.42 -13.92 32.31
C GLY A 190 -15.31 -15.16 31.42
N GLU A 191 -16.39 -15.44 30.72
CA GLU A 191 -16.28 -16.49 29.73
C GLU A 191 -15.68 -15.86 28.47
N GLU A 192 -14.71 -16.52 27.79
CA GLU A 192 -14.27 -16.03 26.45
C GLU A 192 -15.17 -16.66 25.46
N ALA A 193 -15.33 -15.97 24.34
CA ALA A 193 -16.05 -16.51 23.24
C ALA A 193 -15.59 -15.70 22.03
N SER A 194 -16.02 -16.04 20.80
CA SER A 194 -15.48 -15.39 19.61
C SER A 194 -16.62 -14.75 18.89
N TYR A 195 -16.48 -13.51 18.36
CA TYR A 195 -17.48 -13.04 17.35
C TYR A 195 -16.95 -12.85 15.95
N ILE A 196 -17.60 -13.31 14.88
CA ILE A 196 -16.93 -13.21 13.61
C ILE A 196 -17.84 -12.49 12.59
N VAL A 197 -17.29 -11.58 11.82
CA VAL A 197 -18.10 -10.98 10.86
C VAL A 197 -17.28 -11.03 9.59
N MET A 198 -17.95 -11.04 8.45
CA MET A 198 -17.33 -10.49 7.24
C MET A 198 -17.57 -8.95 7.11
N ILE A 199 -16.48 -8.17 6.89
CA ILE A 199 -16.52 -6.71 6.59
C ILE A 199 -16.24 -6.44 5.11
N ASN A 200 -17.08 -5.65 4.45
CA ASN A 200 -16.72 -5.07 3.11
C ASN A 200 -17.07 -3.59 3.02
N GLY A 201 -16.03 -2.77 3.13
CA GLY A 201 -16.13 -1.36 3.43
C GLY A 201 -16.96 -1.07 4.69
N ASP A 202 -18.06 -0.38 4.45
CA ASP A 202 -19.00 -0.03 5.45
C ASP A 202 -20.23 -1.03 5.63
N ARG A 203 -20.21 -2.25 5.06
CA ARG A 203 -21.24 -3.26 5.28
C ARG A 203 -20.57 -4.35 6.01
N TYR A 204 -21.32 -5.15 6.72
CA TYR A 204 -20.73 -6.23 7.51
C TYR A 204 -21.81 -7.21 7.67
N VAL A 205 -21.49 -8.47 7.43
CA VAL A 205 -22.36 -9.61 7.77
C VAL A 205 -21.69 -10.49 8.83
N PRO A 206 -22.44 -10.70 9.92
CA PRO A 206 -21.98 -11.63 10.95
C PRO A 206 -22.08 -13.07 10.57
N LEU A 207 -21.35 -13.86 11.38
CA LEU A 207 -21.13 -15.23 11.09
C LEU A 207 -21.60 -15.97 12.37
N PRO A 208 -21.95 -17.27 12.25
CA PRO A 208 -22.21 -17.97 13.48
C PRO A 208 -21.30 -17.72 14.70
N THR A 209 -21.85 -17.76 15.91
CA THR A 209 -21.05 -17.44 17.12
C THR A 209 -20.28 -18.74 17.54
N SER A 210 -19.33 -18.75 18.52
CA SER A 210 -18.48 -19.92 18.60
C SER A 210 -17.61 -19.87 19.75
N GLN A 211 -17.31 -20.99 20.39
CA GLN A 211 -16.36 -20.91 21.51
C GLN A 211 -15.34 -21.99 21.22
N ASP A 212 -14.05 -21.56 21.34
CA ASP A 212 -12.76 -22.29 21.23
C ASP A 212 -12.35 -22.81 22.61
N HIS A 213 -11.44 -23.79 22.71
CA HIS A 213 -10.89 -24.28 23.93
C HIS A 213 -9.39 -24.34 23.69
N LYS A 214 -8.67 -23.28 24.12
CA LYS A 214 -7.21 -23.12 23.88
C LYS A 214 -6.26 -23.99 24.66
N ARG A 215 -6.52 -24.25 25.91
CA ARG A 215 -5.70 -25.17 26.74
C ARG A 215 -5.68 -26.66 26.34
N LEU A 216 -4.58 -27.37 26.63
CA LEU A 216 -4.31 -28.76 26.09
C LEU A 216 -5.18 -29.86 26.59
N LEU A 217 -5.43 -29.76 27.88
CA LEU A 217 -6.02 -30.79 28.69
C LEU A 217 -7.44 -30.43 29.14
N ASP A 218 -8.07 -31.59 29.71
CA ASP A 218 -9.40 -31.43 30.28
C ASP A 218 -9.41 -30.57 31.50
N GLU A 219 -10.48 -29.76 31.85
CA GLU A 219 -10.76 -28.69 32.87
C GLU A 219 -9.81 -27.60 32.65
N ASP A 220 -9.43 -27.19 31.44
CA ASP A 220 -8.67 -25.99 31.02
C ASP A 220 -7.31 -25.92 31.72
N LYS A 221 -6.55 -27.00 31.49
CA LYS A 221 -5.28 -27.24 32.07
C LYS A 221 -4.25 -27.51 30.99
N GLY A 222 -3.00 -27.29 31.30
CA GLY A 222 -1.94 -27.66 30.44
C GLY A 222 -1.51 -26.39 29.76
N PRO A 223 -0.59 -26.53 28.81
CA PRO A 223 -0.07 -25.46 27.93
C PRO A 223 -1.19 -24.89 27.11
N ASN A 224 -1.00 -23.79 26.49
CA ASN A 224 -2.07 -23.21 25.89
C ASN A 224 -1.67 -23.54 24.48
N THR A 225 -2.62 -23.90 23.64
CA THR A 225 -2.48 -24.46 22.28
C THR A 225 -3.12 -23.49 21.16
N GLY A 226 -3.25 -23.96 19.87
CA GLY A 226 -3.97 -23.08 18.95
C GLY A 226 -5.47 -23.26 18.93
N GLY A 227 -5.95 -24.03 19.88
CA GLY A 227 -7.40 -24.53 19.92
C GLY A 227 -7.54 -26.07 19.72
N MET A 228 -8.12 -26.71 20.69
CA MET A 228 -8.40 -28.14 20.79
C MET A 228 -9.84 -28.54 20.54
N GLY A 229 -10.68 -27.56 20.26
CA GLY A 229 -12.01 -27.84 19.85
C GLY A 229 -12.84 -26.56 19.94
N ALA A 230 -13.95 -26.49 19.16
CA ALA A 230 -14.92 -25.42 19.08
C ALA A 230 -16.29 -25.97 18.78
N TYR A 231 -17.32 -25.14 19.05
CA TYR A 231 -18.74 -25.48 18.84
C TYR A 231 -19.48 -24.14 18.56
N SER A 232 -20.68 -24.24 17.99
CA SER A 232 -21.44 -23.17 17.46
C SER A 232 -22.91 -23.64 17.51
N PRO A 233 -23.86 -22.77 17.94
CA PRO A 233 -23.66 -21.39 18.44
C PRO A 233 -23.16 -21.38 19.97
N THR A 234 -22.42 -20.38 20.47
CA THR A 234 -22.18 -20.38 21.93
C THR A 234 -23.24 -19.50 22.67
N PRO A 235 -23.96 -20.07 23.66
CA PRO A 235 -24.90 -19.35 24.53
C PRO A 235 -24.22 -18.28 25.51
N VAL A 236 -22.90 -18.29 25.65
CA VAL A 236 -22.10 -17.24 26.24
C VAL A 236 -22.53 -15.86 25.74
N ILE A 237 -22.83 -15.67 24.38
CA ILE A 237 -23.28 -14.54 23.59
C ILE A 237 -24.76 -14.83 23.18
N ASN A 238 -25.52 -14.18 24.22
CA ASN A 238 -26.89 -13.70 24.14
C ASN A 238 -27.09 -12.85 22.88
N GLU A 239 -28.50 -12.77 22.78
CA GLU A 239 -29.23 -11.60 22.36
C GLU A 239 -28.58 -10.30 22.86
N GLU A 240 -28.65 -10.16 24.29
CA GLU A 240 -28.25 -8.82 24.72
C GLU A 240 -26.76 -8.53 24.47
N VAL A 241 -25.91 -9.57 24.68
CA VAL A 241 -24.47 -9.49 24.46
C VAL A 241 -24.07 -9.29 22.97
N GLU A 242 -24.77 -9.96 22.07
CA GLU A 242 -24.59 -9.91 20.63
C GLU A 242 -24.77 -8.40 20.18
N LYS A 243 -26.02 -7.99 20.53
CA LYS A 243 -26.54 -6.58 20.36
C LYS A 243 -25.55 -5.42 20.72
N ARG A 244 -24.80 -5.67 21.79
CA ARG A 244 -23.59 -5.09 22.33
C ARG A 244 -22.26 -5.19 21.55
N ILE A 245 -21.70 -6.34 21.33
CA ILE A 245 -20.64 -6.54 20.26
C ILE A 245 -20.86 -5.81 18.96
N ARG A 246 -22.08 -5.88 18.43
CA ARG A 246 -22.36 -5.24 17.12
C ARG A 246 -22.23 -3.71 17.16
N GLU A 247 -22.82 -3.13 18.22
CA GLU A 247 -22.79 -1.70 18.50
C GLU A 247 -21.46 -1.25 18.91
N GLU A 248 -20.99 -1.76 20.06
CA GLU A 248 -19.73 -1.35 20.71
C GLU A 248 -18.42 -1.83 20.15
N ILE A 249 -18.44 -2.90 19.35
CA ILE A 249 -17.18 -3.37 18.77
C ILE A 249 -17.23 -3.27 17.24
N VAL A 250 -18.07 -4.08 16.60
CA VAL A 250 -17.99 -4.06 15.15
C VAL A 250 -18.19 -2.58 14.56
N GLU A 251 -19.25 -1.89 15.00
CA GLU A 251 -19.64 -0.68 14.25
C GLU A 251 -18.70 0.49 14.52
N ARG A 252 -18.15 0.58 15.75
CA ARG A 252 -16.90 1.35 16.01
C ARG A 252 -15.66 0.94 15.16
N VAL A 253 -15.32 -0.36 15.16
CA VAL A 253 -14.32 -0.87 14.25
C VAL A 253 -14.70 -0.35 12.86
N ILE A 254 -15.99 -0.32 12.49
CA ILE A 254 -16.42 0.30 11.18
C ILE A 254 -16.23 1.80 10.96
N LYS A 255 -16.60 2.62 11.96
CA LYS A 255 -16.27 4.10 11.86
C LYS A 255 -14.75 4.30 11.83
N GLY A 256 -14.01 3.64 12.74
CA GLY A 256 -12.59 3.74 12.73
C GLY A 256 -12.02 3.49 11.36
N LEU A 257 -12.45 2.46 10.66
CA LEU A 257 -11.84 2.25 9.36
C LEU A 257 -12.17 3.38 8.39
N LYS A 258 -13.35 4.03 8.58
CA LYS A 258 -13.75 5.16 7.73
C LYS A 258 -12.82 6.29 8.10
N GLU A 259 -12.84 6.71 9.35
CA GLU A 259 -11.90 7.79 9.78
C GLU A 259 -10.42 7.58 9.44
N GLU A 260 -9.83 6.41 9.54
CA GLU A 260 -8.49 6.23 8.93
C GLU A 260 -8.39 6.14 7.33
N GLY A 261 -9.52 6.15 6.62
CA GLY A 261 -9.53 5.85 5.18
C GLY A 261 -8.83 4.49 4.85
N ILE A 262 -8.94 3.53 5.77
CA ILE A 262 -8.38 2.14 5.60
C ILE A 262 -9.51 1.28 5.11
N TYR A 263 -9.36 0.72 3.91
CA TYR A 263 -10.39 -0.09 3.27
C TYR A 263 -10.17 -1.59 3.72
N TYR A 264 -11.23 -2.20 4.26
CA TYR A 264 -11.21 -3.58 4.80
C TYR A 264 -12.23 -4.39 3.97
N ARG A 265 -11.74 -5.38 3.20
CA ARG A 265 -12.62 -6.38 2.58
C ARG A 265 -12.17 -7.79 3.10
N GLY A 266 -12.91 -8.40 4.03
CA GLY A 266 -12.42 -9.62 4.63
C GLY A 266 -13.15 -10.07 5.86
N PHE A 267 -12.67 -11.16 6.50
CA PHE A 267 -13.21 -11.62 7.81
C PHE A 267 -12.61 -10.79 8.93
N LEU A 268 -13.33 -10.56 10.01
CA LEU A 268 -12.76 -9.98 11.25
C LEU A 268 -13.34 -10.76 12.39
N TYR A 269 -12.46 -11.28 13.18
CA TYR A 269 -12.79 -12.24 14.14
C TYR A 269 -12.45 -11.50 15.40
N ALA A 270 -13.37 -11.20 16.28
CA ALA A 270 -12.92 -10.53 17.48
C ALA A 270 -12.67 -11.68 18.42
N GLY A 271 -11.51 -11.86 19.04
CA GLY A 271 -11.53 -12.78 20.17
C GLY A 271 -11.92 -12.02 21.44
N LEU A 272 -13.02 -12.41 22.06
CA LEU A 272 -13.55 -11.71 23.24
C LEU A 272 -13.44 -12.36 24.63
N MET A 273 -13.62 -11.53 25.67
CA MET A 273 -13.96 -11.92 27.03
C MET A 273 -15.31 -11.31 27.37
N ILE A 274 -16.31 -12.10 27.68
CA ILE A 274 -17.52 -11.46 28.16
C ILE A 274 -17.32 -11.24 29.66
N THR A 275 -16.94 -10.02 30.02
CA THR A 275 -16.79 -9.68 31.45
C THR A 275 -18.20 -9.39 31.97
N LYS A 276 -18.35 -9.33 33.31
CA LYS A 276 -19.56 -8.68 33.87
C LYS A 276 -19.74 -7.25 33.29
N GLU A 277 -18.70 -6.38 33.32
CA GLU A 277 -18.78 -5.00 32.63
C GLU A 277 -19.02 -4.95 31.09
N GLY A 278 -19.38 -6.05 30.44
CA GLY A 278 -19.68 -6.02 29.02
C GLY A 278 -18.66 -6.82 28.22
N PRO A 279 -18.97 -7.15 26.96
CA PRO A 279 -18.03 -7.70 25.99
C PRO A 279 -16.80 -6.84 25.66
N LYS A 280 -15.61 -7.38 25.87
CA LYS A 280 -14.32 -6.77 25.54
C LYS A 280 -13.41 -7.54 24.51
N VAL A 281 -12.76 -6.80 23.62
CA VAL A 281 -11.83 -7.32 22.70
C VAL A 281 -10.50 -7.58 23.32
N LEU A 282 -10.12 -8.88 23.30
CA LEU A 282 -8.79 -9.42 23.66
C LEU A 282 -7.88 -9.43 22.49
N GLU A 283 -8.38 -9.76 21.32
CA GLU A 283 -7.67 -9.42 20.11
C GLU A 283 -8.48 -9.42 18.84
N PHE A 284 -7.89 -8.85 17.78
CA PHE A 284 -8.50 -8.89 16.50
C PHE A 284 -7.86 -9.86 15.59
N ASN A 285 -8.59 -10.69 14.87
CA ASN A 285 -7.91 -11.52 13.89
C ASN A 285 -8.49 -11.14 12.50
N VAL A 286 -7.72 -11.24 11.44
CA VAL A 286 -8.10 -10.74 10.07
C VAL A 286 -8.54 -11.89 9.06
N ARG A 287 -8.97 -12.99 9.73
CA ARG A 287 -9.25 -14.27 9.09
C ARG A 287 -10.12 -15.12 10.05
N LEU A 288 -10.53 -16.31 9.59
CA LEU A 288 -11.29 -17.21 10.44
C LEU A 288 -10.43 -17.78 11.53
N GLY A 289 -11.00 -18.16 12.63
CA GLY A 289 -10.18 -18.82 13.56
C GLY A 289 -10.15 -20.33 13.23
N ASP A 290 -9.12 -21.01 13.70
CA ASP A 290 -9.02 -22.40 13.77
C ASP A 290 -8.88 -22.92 15.22
N PRO A 291 -9.85 -23.76 15.72
CA PRO A 291 -10.81 -24.56 14.89
C PRO A 291 -12.21 -23.95 14.74
N GLU A 292 -12.39 -22.66 15.02
CA GLU A 292 -13.74 -22.09 15.09
C GLU A 292 -14.33 -22.10 13.77
N ALA A 293 -13.56 -21.79 12.74
CA ALA A 293 -14.14 -21.85 11.31
C ALA A 293 -14.89 -23.18 11.12
N GLN A 294 -14.45 -24.26 11.69
CA GLN A 294 -14.97 -25.57 11.31
C GLN A 294 -16.46 -25.74 11.65
N PRO A 295 -16.87 -25.52 12.92
CA PRO A 295 -18.29 -25.55 13.18
C PRO A 295 -19.15 -24.35 12.66
N ILE A 296 -18.56 -23.15 12.53
CA ILE A 296 -19.18 -21.96 12.05
C ILE A 296 -19.61 -22.42 10.69
N LEU A 297 -18.72 -23.00 9.92
CA LEU A 297 -18.90 -23.29 8.53
C LEU A 297 -19.85 -24.41 8.24
N MET A 298 -19.93 -25.42 9.13
CA MET A 298 -20.94 -26.47 9.16
C MET A 298 -22.36 -25.89 9.21
N ARG A 299 -22.51 -24.80 9.98
CA ARG A 299 -23.76 -24.02 10.28
C ARG A 299 -24.12 -22.97 9.26
N VAL A 300 -23.26 -22.78 8.26
CA VAL A 300 -23.69 -21.99 7.08
C VAL A 300 -24.53 -22.81 6.05
N LYS A 301 -25.84 -22.63 6.06
CA LYS A 301 -26.79 -23.45 5.30
C LYS A 301 -26.80 -23.12 3.77
N ASN A 302 -26.60 -21.84 3.45
CA ASN A 302 -26.70 -21.41 2.03
C ASN A 302 -25.33 -21.57 1.32
N ASP A 303 -25.29 -21.36 0.02
CA ASP A 303 -24.08 -21.36 -0.73
C ASP A 303 -23.02 -20.33 -0.33
N PHE A 304 -22.10 -20.65 0.55
CA PHE A 304 -20.97 -19.77 0.96
C PHE A 304 -20.18 -19.27 -0.19
N LEU A 305 -19.94 -20.06 -1.23
CA LEU A 305 -19.18 -19.46 -2.35
C LEU A 305 -19.89 -18.19 -2.92
N GLU A 306 -21.09 -18.37 -3.42
CA GLU A 306 -21.97 -17.35 -3.79
C GLU A 306 -22.06 -16.26 -2.79
N THR A 307 -22.19 -16.49 -1.50
CA THR A 307 -22.22 -15.32 -0.52
C THR A 307 -20.85 -14.57 -0.58
N LEU A 308 -19.74 -15.29 -0.67
CA LEU A 308 -18.45 -14.64 -0.85
C LEU A 308 -18.27 -13.76 -2.09
N LEU A 309 -18.43 -14.36 -3.28
CA LEU A 309 -18.58 -13.64 -4.55
C LEU A 309 -19.44 -12.42 -4.50
N ASN A 310 -20.68 -12.59 -4.07
CA ASN A 310 -21.64 -11.46 -3.80
C ASN A 310 -21.18 -10.44 -2.80
N PHE A 311 -20.93 -10.79 -1.57
CA PHE A 311 -20.33 -9.80 -0.72
C PHE A 311 -19.13 -9.09 -1.33
N TYR A 312 -18.25 -9.88 -1.90
CA TYR A 312 -17.08 -9.36 -2.54
C TYR A 312 -17.33 -8.11 -3.41
N GLU A 313 -18.44 -8.04 -4.10
CA GLU A 313 -18.52 -6.86 -4.95
C GLU A 313 -19.57 -5.93 -4.66
N GLY A 314 -19.92 -5.81 -3.40
CA GLY A 314 -20.83 -4.76 -2.93
C GLY A 314 -22.27 -5.19 -2.92
N LYS A 315 -22.53 -6.32 -3.59
CA LYS A 315 -23.86 -6.95 -3.50
C LYS A 315 -24.21 -7.38 -2.14
N ASP A 316 -25.48 -7.80 -2.12
CA ASP A 316 -26.21 -7.83 -0.90
C ASP A 316 -26.40 -9.28 -0.55
N VAL A 317 -26.12 -9.58 0.72
CA VAL A 317 -26.04 -10.97 1.13
C VAL A 317 -26.70 -11.26 2.47
N HIS A 318 -27.10 -12.52 2.66
CA HIS A 318 -27.48 -13.02 3.99
C HIS A 318 -26.76 -14.34 4.37
N ILE A 319 -26.75 -14.66 5.69
CA ILE A 319 -26.40 -16.06 6.13
C ILE A 319 -27.62 -16.90 6.72
N LYS A 320 -28.19 -17.95 6.08
CA LYS A 320 -29.07 -18.91 6.90
C LYS A 320 -28.21 -19.76 7.88
N GLU A 321 -28.23 -19.52 9.19
CA GLU A 321 -27.47 -20.30 10.09
C GLU A 321 -28.29 -21.58 10.19
N ASP A 322 -27.73 -22.79 10.05
CA ASP A 322 -28.35 -24.12 10.50
C ASP A 322 -28.82 -24.04 11.97
N GLU A 323 -29.98 -24.62 12.24
CA GLU A 323 -30.52 -24.72 13.61
C GLU A 323 -29.87 -25.80 14.43
N ARG A 324 -29.31 -26.85 13.83
CA ARG A 324 -28.41 -27.80 14.63
C ARG A 324 -27.16 -27.11 15.14
N TYR A 325 -26.70 -27.60 16.27
CA TYR A 325 -25.41 -27.24 16.86
C TYR A 325 -24.36 -28.04 16.02
N ALA A 326 -23.12 -27.54 15.99
CA ALA A 326 -21.97 -28.13 15.35
C ALA A 326 -20.80 -28.09 16.39
N LEU A 327 -20.16 -29.25 16.67
CA LEU A 327 -19.04 -29.37 17.63
C LEU A 327 -17.91 -30.09 16.87
N ASP A 328 -16.72 -29.57 17.15
CA ASP A 328 -15.48 -30.03 16.51
C ASP A 328 -14.50 -30.39 17.63
N VAL A 329 -14.20 -31.66 17.72
CA VAL A 329 -13.17 -32.07 18.66
C VAL A 329 -11.80 -32.27 17.90
N VAL A 330 -10.78 -31.58 18.39
CA VAL A 330 -9.39 -31.66 17.87
C VAL A 330 -8.52 -32.83 18.34
N LEU A 331 -8.14 -33.73 17.40
CA LEU A 331 -7.08 -34.81 17.66
C LEU A 331 -5.61 -34.40 17.42
N ALA A 332 -4.80 -34.31 18.51
CA ALA A 332 -3.41 -33.69 18.51
C ALA A 332 -2.35 -34.78 18.48
N SER A 333 -1.16 -34.48 17.92
CA SER A 333 -0.20 -35.54 18.18
C SER A 333 0.64 -35.43 19.46
N ARG A 334 1.26 -36.52 19.85
CA ARG A 334 1.93 -36.56 21.16
C ARG A 334 3.09 -35.56 20.95
N GLY A 335 3.32 -34.77 21.97
CA GLY A 335 4.22 -33.68 21.81
C GLY A 335 3.60 -32.32 21.57
N TYR A 336 2.43 -32.20 21.05
CA TYR A 336 1.75 -30.91 20.92
C TYR A 336 1.45 -30.18 22.25
N PRO A 337 1.69 -28.84 22.37
CA PRO A 337 2.11 -27.82 21.42
C PRO A 337 3.67 -27.58 21.21
N GLU A 338 4.62 -28.36 21.98
CA GLU A 338 5.95 -27.69 22.07
C GLU A 338 6.71 -28.42 21.01
N LYS A 339 6.81 -29.64 21.13
CA LYS A 339 7.33 -30.48 20.03
C LYS A 339 6.54 -31.78 19.64
N PRO A 340 5.61 -31.59 18.63
CA PRO A 340 4.86 -32.69 18.09
C PRO A 340 5.67 -33.70 17.28
N GLU A 341 5.51 -34.96 17.68
CA GLU A 341 6.00 -36.14 17.04
C GLU A 341 5.08 -36.40 15.95
N THR A 342 5.55 -36.89 14.82
CA THR A 342 4.81 -36.96 13.62
C THR A 342 5.21 -38.26 12.86
N GLY A 343 4.68 -38.51 11.64
CA GLY A 343 4.94 -39.72 10.90
C GLY A 343 4.01 -40.92 11.23
N LYS A 344 2.99 -40.81 12.10
CA LYS A 344 2.14 -41.97 12.54
C LYS A 344 1.01 -42.36 11.58
N ILE A 345 0.97 -43.64 11.22
CA ILE A 345 -0.19 -44.04 10.43
C ILE A 345 -1.57 -43.69 11.11
N ILE A 346 -2.51 -43.14 10.31
CA ILE A 346 -3.85 -42.86 10.80
C ILE A 346 -4.76 -43.92 10.26
N HIS A 347 -5.47 -44.63 11.18
CA HIS A 347 -6.34 -45.79 10.85
C HIS A 347 -7.84 -45.39 11.05
N GLY A 348 -8.74 -46.01 10.31
CA GLY A 348 -10.16 -45.85 10.45
C GLY A 348 -10.93 -44.61 9.97
N LEU A 349 -10.27 -43.73 9.21
CA LEU A 349 -10.90 -42.67 8.43
C LEU A 349 -12.06 -43.10 7.57
N ASP A 350 -11.98 -44.25 6.87
CA ASP A 350 -13.13 -44.74 6.04
C ASP A 350 -14.35 -45.13 6.80
N TYR A 351 -14.23 -45.37 8.15
CA TYR A 351 -15.44 -45.62 8.94
C TYR A 351 -16.17 -44.30 9.14
N LEU A 352 -15.51 -43.15 9.08
CA LEU A 352 -16.14 -41.86 9.48
C LEU A 352 -16.87 -41.29 8.31
N LYS A 353 -16.56 -41.83 7.13
CA LYS A 353 -17.19 -41.33 5.94
C LYS A 353 -18.61 -41.87 5.73
N SER A 354 -19.08 -42.86 6.48
CA SER A 354 -20.50 -43.37 6.41
C SER A 354 -21.28 -43.10 7.68
N MET A 355 -20.69 -42.40 8.62
CA MET A 355 -21.37 -42.10 9.88
C MET A 355 -22.10 -40.79 9.66
N GLU A 356 -23.44 -40.86 9.89
CA GLU A 356 -24.35 -39.76 9.93
C GLU A 356 -24.00 -38.67 10.90
N ASP A 357 -24.20 -37.59 10.11
CA ASP A 357 -23.97 -36.17 10.52
C ASP A 357 -22.64 -35.96 11.14
N VAL A 358 -21.52 -36.61 10.87
CA VAL A 358 -20.14 -36.49 11.23
C VAL A 358 -19.41 -35.87 10.05
N VAL A 359 -18.49 -34.97 10.40
CA VAL A 359 -17.67 -34.28 9.40
C VAL A 359 -16.24 -34.26 9.94
N VAL A 360 -15.33 -34.83 9.14
CA VAL A 360 -13.86 -34.77 9.42
C VAL A 360 -13.08 -33.70 8.60
N PHE A 361 -12.39 -32.74 9.24
CA PHE A 361 -11.53 -31.71 8.77
C PHE A 361 -10.04 -31.96 9.22
N HIS A 362 -9.41 -32.33 8.10
CA HIS A 362 -7.98 -32.55 8.29
C HIS A 362 -7.28 -31.24 8.55
N ALA A 363 -6.51 -31.27 9.67
CA ALA A 363 -5.33 -30.53 10.12
C ALA A 363 -4.08 -31.17 9.47
N GLY A 364 -3.12 -31.51 10.42
CA GLY A 364 -1.82 -32.08 10.09
C GLY A 364 -1.77 -33.50 9.48
N THR A 365 -2.21 -33.75 8.19
CA THR A 365 -2.21 -35.06 7.50
C THR A 365 -1.39 -34.91 6.23
N LYS A 366 -0.55 -35.89 5.82
CA LYS A 366 0.00 -36.01 4.54
C LYS A 366 -0.12 -37.51 4.18
N LYS A 367 0.34 -37.94 2.99
CA LYS A 367 0.32 -39.29 2.39
C LYS A 367 1.69 -39.95 2.48
N GLU A 368 1.84 -41.24 2.76
CA GLU A 368 3.22 -41.90 2.66
C GLU A 368 2.80 -43.14 1.99
N GLY A 369 2.59 -43.07 0.68
CA GLY A 369 2.28 -44.29 -0.03
C GLY A 369 0.80 -44.45 -0.10
N ASN A 370 0.31 -45.57 0.43
CA ASN A 370 -1.11 -45.66 0.57
C ASN A 370 -1.52 -45.41 2.03
N PHE A 371 -0.59 -44.93 2.87
CA PHE A 371 -0.99 -44.58 4.20
C PHE A 371 -1.25 -43.09 4.21
N THR A 372 -2.29 -42.72 4.99
CA THR A 372 -2.40 -41.42 5.68
C THR A 372 -1.71 -41.36 6.98
N VAL A 373 -0.77 -40.40 7.08
CA VAL A 373 0.02 -40.27 8.31
C VAL A 373 -0.05 -38.78 8.90
N THR A 374 0.24 -38.62 10.20
CA THR A 374 0.42 -37.31 10.80
C THR A 374 1.60 -36.59 10.21
N SER A 375 1.40 -35.27 10.04
CA SER A 375 2.41 -34.31 9.58
C SER A 375 2.61 -33.22 10.60
N GLY A 376 1.93 -33.23 11.75
CA GLY A 376 1.82 -31.92 12.50
C GLY A 376 1.22 -32.13 13.83
N GLY A 377 1.06 -31.02 14.59
CA GLY A 377 0.68 -31.02 16.00
C GLY A 377 -0.81 -31.31 16.17
N ARG A 378 -1.68 -30.53 15.50
CA ARG A 378 -3.02 -30.86 15.39
C ARG A 378 -3.27 -31.59 14.17
N VAL A 379 -3.98 -32.72 14.22
CA VAL A 379 -4.06 -33.66 13.06
C VAL A 379 -5.42 -33.71 12.45
N LEU A 380 -6.41 -34.07 13.30
CA LEU A 380 -7.82 -34.23 12.86
C LEU A 380 -8.79 -33.36 13.65
N ASN A 381 -9.88 -32.97 12.99
CA ASN A 381 -11.10 -32.41 13.65
C ASN A 381 -12.19 -33.36 13.32
N VAL A 382 -12.57 -34.14 14.36
CA VAL A 382 -13.78 -34.96 14.29
C VAL A 382 -14.99 -34.10 14.83
N CYS A 383 -15.88 -33.76 13.90
CA CYS A 383 -16.97 -32.78 14.09
C CYS A 383 -18.31 -33.50 13.89
N ALA A 384 -19.35 -32.95 14.48
CA ALA A 384 -20.62 -33.47 14.28
C ALA A 384 -21.69 -32.38 14.52
N TYR A 385 -22.85 -32.61 13.91
CA TYR A 385 -24.17 -31.91 14.26
C TYR A 385 -24.96 -32.57 15.35
N GLY A 386 -25.75 -31.81 16.11
CA GLY A 386 -26.72 -32.34 17.07
C GLY A 386 -27.90 -31.40 17.16
N LYS A 387 -29.08 -31.97 17.38
CA LYS A 387 -30.36 -31.25 17.68
C LYS A 387 -30.06 -30.41 18.99
N THR A 388 -29.36 -31.02 19.95
CA THR A 388 -28.76 -30.27 21.11
C THR A 388 -27.25 -30.34 21.02
N LEU A 389 -26.59 -29.55 21.84
CA LEU A 389 -25.16 -29.60 22.03
C LEU A 389 -24.76 -30.92 22.60
N LYS A 390 -25.50 -31.43 23.57
CA LYS A 390 -25.26 -32.75 24.11
C LYS A 390 -25.14 -33.81 23.02
N GLU A 391 -26.17 -33.96 22.20
CA GLU A 391 -26.04 -34.77 21.00
C GLU A 391 -24.83 -34.54 20.07
N ALA A 392 -24.44 -33.26 19.85
CA ALA A 392 -23.32 -32.91 18.90
C ALA A 392 -22.10 -33.48 19.61
N LYS A 393 -22.05 -33.40 20.96
CA LYS A 393 -20.80 -33.72 21.62
C LYS A 393 -20.60 -35.20 21.65
N GLU A 394 -21.72 -35.93 21.89
CA GLU A 394 -21.81 -37.35 21.92
C GLU A 394 -21.53 -38.01 20.63
N ARG A 395 -22.05 -37.43 19.55
CA ARG A 395 -21.83 -37.99 18.18
C ARG A 395 -20.37 -37.78 17.76
N ALA A 396 -19.70 -36.72 18.26
CA ALA A 396 -18.30 -36.45 17.90
C ALA A 396 -17.39 -37.43 18.65
N TYR A 397 -17.44 -37.65 20.01
CA TYR A 397 -16.84 -38.79 20.69
C TYR A 397 -17.27 -40.21 20.16
N GLU A 398 -18.54 -40.43 19.88
CA GLU A 398 -18.79 -41.73 19.20
C GLU A 398 -17.85 -42.00 17.98
N ALA A 399 -17.79 -41.03 17.04
CA ALA A 399 -16.97 -41.08 15.80
C ALA A 399 -15.51 -41.32 16.11
N ILE A 400 -14.93 -40.60 17.12
CA ILE A 400 -13.55 -40.66 17.53
C ILE A 400 -13.10 -42.11 17.83
N ARG A 401 -13.97 -42.96 18.35
CA ARG A 401 -13.73 -44.37 18.73
C ARG A 401 -13.32 -45.19 17.51
N TYR A 402 -13.69 -44.66 16.34
CA TYR A 402 -13.33 -45.40 15.12
C TYR A 402 -12.05 -45.05 14.45
N VAL A 403 -11.35 -44.09 15.02
CA VAL A 403 -10.27 -43.46 14.23
C VAL A 403 -9.04 -43.55 15.12
N CYS A 404 -7.84 -43.67 14.55
CA CYS A 404 -6.77 -43.70 15.55
C CYS A 404 -5.33 -43.58 14.98
N PHE A 405 -4.43 -43.10 15.83
CA PHE A 405 -3.03 -42.91 15.51
C PHE A 405 -2.38 -42.93 16.86
N GLU A 406 -1.20 -43.54 16.91
CA GLU A 406 -0.36 -43.56 18.11
C GLU A 406 -0.15 -42.24 18.65
N GLY A 407 -0.18 -42.12 19.94
CA GLY A 407 0.12 -40.86 20.50
C GLY A 407 -1.09 -39.96 20.64
N MET A 408 -2.12 -40.24 19.82
CA MET A 408 -3.33 -39.37 19.81
C MET A 408 -3.76 -38.83 21.20
N HIS A 409 -3.92 -37.52 21.23
CA HIS A 409 -4.50 -36.90 22.40
C HIS A 409 -5.70 -36.05 22.07
N TYR A 410 -6.79 -36.10 22.76
CA TYR A 410 -7.84 -35.06 22.70
C TYR A 410 -8.53 -34.68 24.05
N ARG A 411 -9.03 -33.43 24.16
CA ARG A 411 -9.92 -33.16 25.27
C ARG A 411 -11.28 -33.82 25.15
N LYS A 412 -11.71 -34.34 26.30
CA LYS A 412 -13.01 -34.99 26.48
C LYS A 412 -14.21 -33.98 26.83
N ASP A 413 -13.90 -32.70 27.10
CA ASP A 413 -14.84 -31.70 27.73
C ASP A 413 -15.18 -30.55 26.82
N ILE A 414 -15.20 -30.74 25.50
CA ILE A 414 -15.47 -29.72 24.50
C ILE A 414 -16.99 -29.44 24.48
N GLY A 415 -17.38 -28.17 24.73
CA GLY A 415 -18.79 -27.75 24.82
C GLY A 415 -19.24 -27.56 26.29
N ASP A 416 -18.47 -28.13 27.22
CA ASP A 416 -18.92 -28.32 28.54
C ASP A 416 -19.36 -27.05 29.24
N LYS A 417 -18.68 -25.95 28.96
CA LYS A 417 -19.06 -24.70 29.49
C LYS A 417 -20.39 -24.22 29.00
N ALA A 418 -20.87 -24.58 27.80
CA ALA A 418 -22.25 -24.24 27.36
C ALA A 418 -23.53 -24.80 28.16
N PHE A 419 -23.33 -25.78 29.06
CA PHE A 419 -24.40 -26.63 29.54
C PHE A 419 -25.03 -25.92 30.73
N LYS A 420 -24.22 -25.16 31.46
CA LYS A 420 -24.80 -24.26 32.49
C LYS A 420 -25.86 -23.25 31.87
N TYR A 421 -25.66 -22.75 30.63
CA TYR A 421 -26.62 -21.79 30.06
C TYR A 421 -27.79 -22.42 29.39
N LEU A 422 -27.91 -23.73 29.39
CA LEU A 422 -28.84 -24.40 28.46
C LEU A 422 -29.82 -25.25 29.28
N SER A 423 -30.85 -25.68 28.61
CA SER A 423 -31.88 -26.47 29.23
C SER A 423 -32.67 -27.32 28.21
N MET B 1 -0.89 -0.85 -29.53
CA MET B 1 -1.47 -0.73 -28.21
C MET B 1 -2.23 0.59 -28.00
N LYS B 2 -2.76 0.76 -26.80
CA LYS B 2 -3.68 1.76 -26.36
C LYS B 2 -2.90 2.28 -25.20
N VAL B 3 -2.37 3.50 -25.32
CA VAL B 3 -1.60 4.12 -24.21
C VAL B 3 -2.41 5.35 -23.79
N LEU B 4 -2.23 5.78 -22.52
CA LEU B 4 -3.00 6.83 -21.87
C LEU B 4 -1.95 7.75 -21.14
N VAL B 5 -2.05 9.08 -21.40
CA VAL B 5 -1.16 9.96 -20.74
C VAL B 5 -2.02 10.67 -19.72
N VAL B 6 -1.56 10.71 -18.46
CA VAL B 6 -2.25 11.44 -17.41
C VAL B 6 -1.60 12.76 -17.16
N GLY B 7 -2.41 13.82 -17.33
CA GLY B 7 -2.01 15.21 -17.08
C GLY B 7 -2.52 16.06 -18.21
N ASN B 8 -2.36 17.40 -18.03
CA ASN B 8 -2.95 18.46 -18.86
C ASN B 8 -2.05 19.53 -19.36
N GLY B 9 -0.77 19.38 -19.11
CA GLY B 9 0.21 20.42 -19.24
C GLY B 9 1.16 20.22 -20.44
N GLY B 10 2.21 21.12 -20.54
CA GLY B 10 3.24 21.21 -21.55
C GLY B 10 4.09 19.95 -21.42
N ARG B 11 4.26 19.47 -20.17
CA ARG B 11 4.94 18.18 -19.92
C ARG B 11 4.31 16.99 -20.60
N GLU B 12 2.99 16.89 -20.48
CA GLU B 12 2.26 15.80 -20.97
C GLU B 12 2.02 15.92 -22.43
N HIS B 13 1.94 17.14 -22.96
CA HIS B 13 2.08 17.25 -24.47
C HIS B 13 3.38 16.58 -25.10
N ALA B 14 4.47 16.86 -24.42
CA ALA B 14 5.79 16.26 -24.74
C ALA B 14 5.75 14.73 -24.71
N ILE B 15 5.28 14.18 -23.58
CA ILE B 15 5.15 12.75 -23.36
C ILE B 15 4.26 12.12 -24.52
N ALA B 16 3.16 12.75 -24.86
CA ALA B 16 2.34 12.22 -25.92
C ALA B 16 2.90 12.48 -27.38
N TRP B 17 3.40 13.69 -27.74
CA TRP B 17 4.25 13.80 -28.88
C TRP B 17 5.34 12.69 -29.05
N LYS B 18 6.11 12.40 -28.02
CA LYS B 18 7.16 11.37 -28.09
C LYS B 18 6.56 9.95 -28.15
N VAL B 19 5.61 9.58 -27.29
CA VAL B 19 4.88 8.29 -27.45
C VAL B 19 4.34 8.12 -28.88
N ALA B 20 3.71 9.17 -29.47
CA ALA B 20 2.99 9.08 -30.71
C ALA B 20 4.02 8.72 -31.80
N GLN B 21 5.28 8.76 -31.46
CA GLN B 21 6.26 8.51 -32.50
C GLN B 21 6.60 7.03 -32.61
N SER B 22 6.34 6.24 -31.54
CA SER B 22 6.52 4.78 -31.56
C SER B 22 5.57 4.03 -32.48
N PRO B 23 6.12 3.17 -33.41
CA PRO B 23 5.17 2.39 -34.28
C PRO B 23 4.33 1.29 -33.52
N LEU B 24 4.53 1.15 -32.20
CA LEU B 24 3.74 0.29 -31.31
C LEU B 24 2.42 0.83 -30.85
N VAL B 25 2.18 2.14 -30.70
CA VAL B 25 0.89 2.64 -30.17
C VAL B 25 -0.07 2.67 -31.35
N LYS B 26 -1.31 2.23 -31.14
CA LYS B 26 -2.32 2.29 -32.19
C LYS B 26 -3.43 3.27 -31.78
N GLU B 27 -3.51 3.56 -30.48
CA GLU B 27 -4.50 4.48 -29.89
C GLU B 27 -3.99 5.22 -28.72
N LEU B 28 -4.18 6.56 -28.73
CA LEU B 28 -3.51 7.36 -27.71
C LEU B 28 -4.62 8.07 -26.96
N TYR B 29 -4.57 8.19 -25.61
CA TYR B 29 -5.56 8.85 -24.82
C TYR B 29 -4.77 9.84 -23.99
N VAL B 30 -5.36 10.99 -23.64
CA VAL B 30 -4.82 11.83 -22.52
C VAL B 30 -5.96 12.20 -21.51
N ALA B 31 -5.67 12.34 -20.20
CA ALA B 31 -6.69 12.48 -19.18
C ALA B 31 -6.45 13.78 -18.60
N LYS B 32 -6.87 14.56 -19.64
CA LYS B 32 -7.67 15.69 -19.78
C LYS B 32 -7.00 16.25 -21.06
N GLY B 33 -5.74 16.65 -20.83
CA GLY B 33 -5.07 17.16 -22.01
C GLY B 33 -5.25 18.63 -22.18
N ASN B 34 -5.06 19.17 -23.39
CA ASN B 34 -5.25 20.61 -23.70
C ASN B 34 -5.35 20.58 -25.16
N ALA B 35 -5.84 21.68 -25.77
CA ALA B 35 -6.08 21.76 -27.22
C ALA B 35 -5.07 21.18 -28.18
N GLY B 36 -3.81 21.29 -27.82
CA GLY B 36 -2.71 20.75 -28.67
C GLY B 36 -2.55 19.27 -28.49
N ILE B 37 -2.67 18.75 -27.27
CA ILE B 37 -2.63 17.29 -27.10
C ILE B 37 -3.84 16.57 -27.77
N TRP B 38 -4.98 17.28 -27.82
CA TRP B 38 -6.13 16.75 -28.54
C TRP B 38 -5.97 16.54 -30.04
N GLU B 39 -4.89 17.00 -30.64
CA GLU B 39 -4.64 16.83 -31.96
C GLU B 39 -4.03 15.52 -32.19
N ILE B 40 -3.64 14.85 -31.10
CA ILE B 40 -2.99 13.49 -31.21
C ILE B 40 -3.52 12.44 -30.30
N ALA B 41 -4.43 12.73 -29.49
CA ALA B 41 -4.70 11.76 -28.41
C ALA B 41 -6.18 11.97 -28.10
N LYS B 42 -6.91 10.95 -27.67
CA LYS B 42 -8.36 11.16 -27.38
C LYS B 42 -8.45 11.81 -26.02
N ARG B 43 -9.05 12.98 -25.94
CA ARG B 43 -9.38 13.46 -24.67
C ARG B 43 -10.22 12.45 -23.83
N VAL B 44 -9.80 12.27 -22.60
CA VAL B 44 -10.54 11.53 -21.69
C VAL B 44 -10.96 12.54 -20.70
N ASP B 45 -12.24 12.63 -20.55
CA ASP B 45 -12.77 13.58 -19.69
C ASP B 45 -12.82 13.24 -18.16
N ILE B 46 -11.70 12.96 -17.49
CA ILE B 46 -11.70 12.52 -16.06
C ILE B 46 -10.61 13.28 -15.38
N SER B 47 -10.86 14.04 -14.31
CA SER B 47 -9.72 14.75 -13.72
C SER B 47 -8.46 13.87 -13.67
N PRO B 48 -7.23 14.36 -13.89
CA PRO B 48 -6.15 13.43 -13.38
C PRO B 48 -6.10 13.10 -11.82
N THR B 49 -6.75 13.90 -11.01
CA THR B 49 -6.64 13.59 -9.57
C THR B 49 -7.82 12.63 -9.10
N ASP B 50 -8.62 12.16 -10.10
CA ASP B 50 -9.77 11.23 -9.87
C ASP B 50 -9.34 9.82 -10.14
N VAL B 51 -8.46 9.35 -9.26
CA VAL B 51 -7.45 8.36 -9.58
C VAL B 51 -8.14 6.97 -9.64
N GLU B 52 -9.27 6.85 -8.89
CA GLU B 52 -10.11 5.63 -9.05
C GLU B 52 -11.02 5.54 -10.21
N LYS B 53 -11.56 6.66 -10.68
CA LYS B 53 -12.42 6.69 -11.86
C LYS B 53 -11.56 6.69 -13.09
N LEU B 54 -10.40 7.30 -12.97
CA LEU B 54 -9.39 7.19 -14.01
C LEU B 54 -9.01 5.68 -14.11
N ALA B 55 -8.88 4.98 -12.97
CA ALA B 55 -8.36 3.64 -13.06
C ALA B 55 -9.40 2.79 -13.70
N GLU B 56 -10.67 3.10 -13.46
CA GLU B 56 -11.79 2.27 -13.87
C GLU B 56 -12.05 2.32 -15.40
N PHE B 57 -11.98 3.55 -15.95
CA PHE B 57 -12.01 3.80 -17.34
C PHE B 57 -10.82 3.18 -17.95
N ALA B 58 -9.66 3.28 -17.31
CA ALA B 58 -8.47 2.53 -17.89
C ALA B 58 -8.68 0.98 -18.02
N LYS B 59 -9.13 0.32 -16.92
CA LYS B 59 -9.65 -1.09 -16.94
C LYS B 59 -10.80 -1.30 -17.99
N ASN B 60 -11.93 -0.59 -17.90
CA ASN B 60 -12.99 -0.73 -18.93
C ASN B 60 -12.56 -0.65 -20.38
N GLU B 61 -11.60 0.23 -20.61
CA GLU B 61 -11.25 0.65 -21.91
C GLU B 61 -10.25 -0.27 -22.61
N GLY B 62 -9.52 -1.06 -21.82
CA GLY B 62 -8.50 -1.89 -22.44
C GLY B 62 -7.14 -1.26 -22.76
N VAL B 63 -6.80 -0.26 -21.92
CA VAL B 63 -5.51 0.50 -21.90
C VAL B 63 -4.33 -0.34 -21.41
N ASP B 64 -3.61 -0.83 -22.44
CA ASP B 64 -2.21 -1.40 -22.40
C ASP B 64 -1.11 -0.74 -21.62
N PHE B 65 -1.16 0.57 -21.33
CA PHE B 65 -0.01 1.20 -20.55
C PHE B 65 -0.36 2.68 -20.38
N THR B 66 0.22 3.32 -19.38
CA THR B 66 -0.25 4.57 -18.81
C THR B 66 0.97 5.30 -18.27
N ILE B 67 1.19 6.55 -18.70
CA ILE B 67 2.33 7.29 -18.21
C ILE B 67 1.69 8.42 -17.46
N VAL B 68 2.08 8.60 -16.22
CA VAL B 68 1.60 9.66 -15.39
C VAL B 68 2.52 10.88 -15.43
N GLY B 69 2.02 12.02 -15.92
CA GLY B 69 2.79 13.20 -15.83
C GLY B 69 2.85 13.94 -14.49
N PRO B 70 1.69 14.38 -13.94
CA PRO B 70 1.94 15.36 -12.77
C PRO B 70 2.09 14.66 -11.38
N GLU B 71 2.64 15.40 -10.39
CA GLU B 71 2.95 14.87 -9.08
C GLU B 71 1.76 14.45 -8.26
N ALA B 72 0.65 15.07 -8.41
CA ALA B 72 -0.45 14.88 -7.42
C ALA B 72 -1.24 13.60 -7.57
N PRO B 73 -1.55 13.16 -8.83
CA PRO B 73 -2.11 11.80 -8.86
C PRO B 73 -1.15 10.69 -8.38
N LEU B 74 0.14 11.02 -8.20
CA LEU B 74 1.15 9.94 -7.95
C LEU B 74 1.07 9.75 -6.48
N VAL B 75 1.24 10.91 -5.86
CA VAL B 75 1.07 11.15 -4.39
C VAL B 75 -0.27 10.69 -3.83
N GLU B 76 -1.25 10.55 -4.69
CA GLU B 76 -2.60 10.32 -4.22
C GLU B 76 -2.95 8.91 -4.53
N GLY B 77 -1.99 8.11 -5.04
CA GLY B 77 -2.21 6.68 -5.18
C GLY B 77 -2.81 6.12 -6.44
N ILE B 78 -2.79 6.87 -7.51
CA ILE B 78 -3.23 6.37 -8.84
C ILE B 78 -2.60 5.08 -9.23
N VAL B 79 -1.34 4.86 -8.82
CA VAL B 79 -0.56 3.62 -9.21
C VAL B 79 -1.08 2.45 -8.41
N ASP B 80 -1.24 2.66 -7.08
CA ASP B 80 -1.93 1.67 -6.20
C ASP B 80 -3.38 1.30 -6.75
N GLU B 81 -4.13 2.26 -7.29
CA GLU B 81 -5.44 2.04 -7.92
C GLU B 81 -5.40 1.40 -9.27
N PHE B 82 -4.49 1.83 -10.14
CA PHE B 82 -4.30 1.17 -11.41
C PHE B 82 -4.02 -0.31 -11.22
N GLU B 83 -3.31 -0.59 -10.14
CA GLU B 83 -2.86 -1.93 -9.90
C GLU B 83 -3.95 -2.83 -9.37
N LYS B 84 -4.75 -2.40 -8.39
CA LYS B 84 -6.03 -3.11 -8.15
C LYS B 84 -6.80 -3.66 -9.38
N ARG B 85 -6.79 -2.97 -10.52
CA ARG B 85 -7.48 -3.44 -11.79
C ARG B 85 -6.49 -4.21 -12.61
N GLY B 86 -5.39 -4.52 -11.91
CA GLY B 86 -4.24 -5.14 -12.55
C GLY B 86 -3.76 -4.44 -13.81
N LEU B 87 -3.48 -3.12 -13.64
CA LEU B 87 -3.03 -2.30 -14.81
C LEU B 87 -1.53 -2.01 -14.81
N LYS B 88 -1.01 -1.99 -16.00
CA LYS B 88 0.31 -1.40 -16.30
C LYS B 88 0.37 0.11 -16.32
N ILE B 89 1.11 0.65 -15.36
CA ILE B 89 1.33 2.07 -15.23
C ILE B 89 2.76 2.52 -14.79
N PHE B 90 3.40 3.42 -15.56
CA PHE B 90 4.71 3.89 -15.11
C PHE B 90 4.48 5.04 -14.16
N GLY B 91 5.06 5.00 -12.95
CA GLY B 91 5.08 6.10 -12.01
C GLY B 91 5.33 5.38 -10.70
N PRO B 92 5.89 6.08 -9.67
CA PRO B 92 5.90 5.45 -8.30
C PRO B 92 4.51 5.37 -7.66
N ASN B 93 4.31 4.41 -6.74
CA ASN B 93 3.03 4.14 -6.10
C ASN B 93 3.11 5.14 -5.00
N LYS B 94 2.08 5.18 -4.14
CA LYS B 94 1.83 6.30 -3.19
C LYS B 94 2.84 6.44 -2.06
N GLU B 95 3.46 5.29 -1.74
CA GLU B 95 4.38 5.11 -0.62
C GLU B 95 5.81 5.40 -1.11
N ALA B 96 6.11 5.12 -2.38
CA ALA B 96 7.30 5.81 -3.05
C ALA B 96 7.10 7.34 -3.24
N ALA B 97 5.87 7.75 -3.52
CA ALA B 97 5.59 9.17 -3.73
C ALA B 97 6.13 10.19 -2.62
N LYS B 98 6.44 9.69 -1.42
CA LYS B 98 6.45 10.57 -0.25
C LYS B 98 7.72 11.37 -0.37
N LEU B 99 8.56 10.85 -1.27
CA LEU B 99 9.84 11.50 -1.54
C LEU B 99 9.76 12.95 -2.12
N GLU B 100 8.65 13.29 -2.77
CA GLU B 100 8.44 14.64 -3.20
C GLU B 100 7.27 15.15 -2.39
N GLY B 101 6.31 14.24 -2.25
CA GLY B 101 5.11 14.46 -1.56
C GLY B 101 5.15 14.59 -0.07
N SER B 102 6.34 14.66 0.55
CA SER B 102 6.64 15.06 1.97
C SER B 102 8.10 15.42 1.98
N LYS B 103 8.43 16.67 2.27
CA LYS B 103 9.82 17.04 2.13
C LYS B 103 10.64 16.54 3.33
N ALA B 104 9.95 16.23 4.43
CA ALA B 104 10.69 15.97 5.67
C ALA B 104 11.21 14.56 5.70
N PHE B 105 10.29 13.66 5.43
CA PHE B 105 10.59 12.28 5.09
C PHE B 105 11.86 12.13 4.23
N ALA B 106 11.76 12.65 3.01
CA ALA B 106 12.77 12.84 2.00
C ALA B 106 14.14 13.26 2.52
N LYS B 107 14.14 14.29 3.38
CA LYS B 107 15.35 14.92 4.05
C LYS B 107 15.98 14.01 5.12
N THR B 108 15.11 13.23 5.80
CA THR B 108 15.40 12.15 6.78
C THR B 108 16.10 10.99 6.06
N PHE B 109 15.38 10.44 5.10
CA PHE B 109 16.00 9.69 4.08
C PHE B 109 17.39 10.21 3.61
N MET B 110 17.58 11.49 3.30
CA MET B 110 18.88 11.86 2.69
C MET B 110 19.94 11.81 3.72
N LYS B 111 19.61 12.28 4.93
CA LYS B 111 20.46 12.21 6.17
C LYS B 111 20.86 10.78 6.33
N LYS B 112 19.83 9.94 6.47
CA LYS B 112 19.97 8.57 6.84
C LYS B 112 20.87 7.80 5.89
N TYR B 113 21.10 8.31 4.68
CA TYR B 113 21.73 7.48 3.60
C TYR B 113 22.83 8.18 2.90
N GLY B 114 23.09 9.37 3.41
CA GLY B 114 24.34 10.07 3.07
C GLY B 114 24.34 10.89 1.79
N ILE B 115 23.13 11.30 1.37
CA ILE B 115 22.96 11.99 0.09
C ILE B 115 23.16 13.48 0.37
N PRO B 116 24.06 14.12 -0.42
CA PRO B 116 24.44 15.53 -0.21
C PRO B 116 23.27 16.46 -0.38
N THR B 117 22.90 17.15 0.70
CA THR B 117 21.73 18.02 0.76
C THR B 117 22.15 19.33 1.54
N ALA B 118 21.18 20.20 1.83
CA ALA B 118 21.37 21.29 2.76
C ALA B 118 21.10 20.67 4.12
N ARG B 119 21.75 21.17 5.17
CA ARG B 119 21.43 20.65 6.48
C ARG B 119 20.03 21.25 6.81
N TYR B 120 19.18 20.45 7.44
CA TYR B 120 17.78 20.79 7.61
C TYR B 120 17.30 20.68 9.08
N GLU B 121 16.18 21.36 9.42
CA GLU B 121 15.31 20.90 10.49
C GLU B 121 13.81 21.09 10.28
N VAL B 122 13.05 20.23 10.96
CA VAL B 122 11.61 20.04 10.82
C VAL B 122 10.93 20.48 12.15
N PHE B 123 9.70 21.01 12.04
CA PHE B 123 8.89 21.52 13.16
C PHE B 123 7.37 21.38 12.88
N THR B 124 6.52 20.84 13.82
CA THR B 124 5.06 21.09 13.67
C THR B 124 4.54 21.97 14.80
N ASP B 125 5.17 23.06 15.07
CA ASP B 125 4.80 24.04 16.13
C ASP B 125 5.56 25.36 15.93
N PHE B 126 4.82 26.39 15.53
CA PHE B 126 5.42 27.73 15.27
C PHE B 126 6.24 28.21 16.46
N GLU B 127 5.83 27.90 17.71
CA GLU B 127 6.46 28.44 18.95
C GLU B 127 7.93 28.04 19.02
N LYS B 128 8.32 26.88 18.45
CA LYS B 128 9.68 26.30 18.61
C LYS B 128 10.49 26.45 17.33
N ALA B 129 9.98 26.85 16.14
CA ALA B 129 10.68 27.26 14.88
C ALA B 129 11.15 28.74 14.88
N LYS B 130 10.20 29.64 15.09
CA LYS B 130 10.38 31.01 15.67
C LYS B 130 11.78 31.18 16.24
N GLU B 131 12.24 30.24 17.10
CA GLU B 131 13.51 30.44 17.86
C GLU B 131 14.69 29.82 17.13
N TYR B 132 14.61 28.94 16.11
CA TYR B 132 15.80 28.38 15.41
C TYR B 132 16.02 29.06 14.07
N VAL B 133 15.21 30.17 13.69
CA VAL B 133 15.48 31.08 12.55
C VAL B 133 16.53 32.12 12.94
N GLU B 134 16.39 32.64 14.12
CA GLU B 134 17.33 33.67 14.64
C GLU B 134 18.39 33.03 15.54
N LYS B 135 18.48 31.70 15.44
CA LYS B 135 19.58 30.93 16.11
C LYS B 135 20.61 30.47 15.09
N VAL B 136 20.28 30.62 13.73
CA VAL B 136 21.26 30.48 12.61
C VAL B 136 21.12 31.62 11.62
N GLY B 137 20.25 32.64 11.86
CA GLY B 137 20.20 33.91 11.13
C GLY B 137 19.72 33.87 9.70
N ALA B 138 20.40 34.64 8.85
CA ALA B 138 20.15 34.72 7.40
C ALA B 138 21.51 34.41 6.71
N PRO B 139 21.80 33.24 6.10
CA PRO B 139 21.06 32.25 5.25
C PRO B 139 19.51 32.19 5.21
N ILE B 140 18.52 31.80 6.02
CA ILE B 140 17.65 30.57 6.06
C ILE B 140 16.41 30.51 5.08
N VAL B 141 15.86 29.36 4.69
CA VAL B 141 14.90 29.03 3.60
C VAL B 141 13.75 28.19 4.20
N VAL B 142 12.51 28.71 4.27
CA VAL B 142 11.36 27.87 4.80
C VAL B 142 10.44 27.16 3.74
N LYS B 143 10.37 25.82 3.82
CA LYS B 143 9.55 25.03 2.89
C LYS B 143 8.38 24.37 3.63
N ALA B 144 7.26 24.21 2.92
CA ALA B 144 6.16 23.38 3.36
C ALA B 144 6.53 21.88 3.19
N ASP B 145 6.06 21.00 4.14
CA ASP B 145 6.28 19.53 3.95
C ASP B 145 5.50 18.92 2.71
N GLY B 146 4.31 19.45 2.40
CA GLY B 146 3.50 18.86 1.32
C GLY B 146 3.43 19.61 -0.01
N LEU B 147 2.70 18.99 -0.94
CA LEU B 147 2.35 19.54 -2.26
C LEU B 147 1.52 20.83 -2.14
N ALA B 148 2.04 21.90 -2.74
CA ALA B 148 1.38 23.19 -2.60
C ALA B 148 1.19 23.86 -3.99
N ALA B 149 0.85 23.05 -4.98
CA ALA B 149 0.91 23.43 -6.41
C ALA B 149 2.32 23.94 -6.84
N GLY B 150 3.38 23.26 -6.38
CA GLY B 150 4.76 23.74 -6.56
C GLY B 150 5.00 25.09 -5.91
N LYS B 151 3.93 25.62 -5.31
CA LYS B 151 3.95 26.96 -4.72
C LYS B 151 4.12 26.80 -3.19
N GLY B 152 5.24 26.17 -2.79
CA GLY B 152 5.54 25.90 -1.36
C GLY B 152 6.94 26.03 -0.75
N ALA B 153 7.95 26.49 -1.53
CA ALA B 153 9.31 26.77 -1.02
C ALA B 153 9.40 28.26 -0.83
N VAL B 154 10.13 28.75 0.20
CA VAL B 154 10.30 30.23 0.46
C VAL B 154 11.76 30.68 0.76
N VAL B 155 12.51 31.14 -0.25
CA VAL B 155 13.88 31.73 -0.06
C VAL B 155 13.78 33.06 0.72
N CYS B 156 14.17 33.04 2.00
CA CYS B 156 13.99 34.18 2.96
C CYS B 156 15.31 34.83 3.40
N GLU B 157 15.73 36.04 2.87
CA GLU B 157 17.01 36.78 3.07
C GLU B 157 17.08 37.35 4.48
N THR B 158 16.33 38.25 5.25
CA THR B 158 16.63 38.63 6.66
C THR B 158 15.68 37.96 7.64
N VAL B 159 16.13 37.70 8.96
CA VAL B 159 15.39 36.97 10.03
C VAL B 159 13.91 37.31 10.00
N GLU B 160 13.63 38.56 9.68
CA GLU B 160 12.21 39.03 9.60
C GLU B 160 11.44 38.28 8.53
N LYS B 161 12.09 38.12 7.41
CA LYS B 161 11.49 37.35 6.27
C LYS B 161 11.19 35.92 6.68
N ALA B 162 12.11 35.36 7.47
CA ALA B 162 11.97 33.99 7.94
C ALA B 162 10.82 33.84 8.92
N ILE B 163 10.75 34.75 9.90
CA ILE B 163 9.63 34.68 10.88
C ILE B 163 8.29 34.90 10.19
N GLU B 164 8.30 35.82 9.24
CA GLU B 164 7.06 36.11 8.47
C GLU B 164 6.52 34.85 7.80
N THR B 165 7.46 34.14 7.16
CA THR B 165 7.09 32.89 6.45
C THR B 165 6.62 31.83 7.44
N LEU B 166 7.37 31.70 8.53
CA LEU B 166 6.97 30.72 9.57
C LEU B 166 5.56 30.99 10.09
N ASP B 167 5.29 32.29 10.24
CA ASP B 167 3.95 32.71 10.71
C ASP B 167 2.86 32.23 9.76
N ARG B 168 3.08 32.48 8.47
CA ARG B 168 2.12 32.06 7.42
C ARG B 168 1.92 30.55 7.42
N PHE B 169 3.02 29.83 7.57
CA PHE B 169 3.00 28.34 7.50
C PHE B 169 2.40 27.74 8.77
N LEU B 170 2.97 28.03 9.92
CA LEU B 170 2.59 27.37 11.20
C LEU B 170 1.39 28.07 11.83
N ASN B 171 1.32 29.37 11.89
CA ASN B 171 0.20 30.08 12.57
C ASN B 171 -1.01 30.19 11.66
N LYS B 172 -0.85 30.72 10.40
CA LYS B 172 -2.01 31.31 9.65
C LYS B 172 -2.76 30.22 8.89
N LYS B 173 -1.91 29.16 8.64
CA LYS B 173 -1.92 27.69 8.42
C LYS B 173 -2.26 27.35 6.98
N ILE B 174 -1.52 27.89 5.98
CA ILE B 174 -1.96 28.73 4.83
C ILE B 174 -2.40 27.86 3.65
N PHE B 175 -1.54 27.21 2.76
CA PHE B 175 -1.81 25.82 2.44
C PHE B 175 -1.58 24.81 3.61
N GLY B 176 -2.95 24.35 3.74
CA GLY B 176 -3.71 23.83 4.87
C GLY B 176 -2.99 22.85 5.80
N LYS B 177 -3.19 21.52 5.33
CA LYS B 177 -2.70 20.22 5.85
C LYS B 177 -1.22 19.94 5.43
N SER B 178 -0.53 20.35 4.37
CA SER B 178 0.88 20.29 4.05
C SER B 178 1.84 21.15 4.98
N SER B 179 1.44 22.49 4.97
CA SER B 179 2.37 23.32 5.81
C SER B 179 1.78 23.80 7.17
N GLU B 180 0.94 22.95 7.76
CA GLU B 180 1.10 22.56 9.18
C GLU B 180 2.23 21.56 9.45
N ARG B 181 3.23 21.87 8.61
CA ARG B 181 4.62 21.27 8.84
C ARG B 181 5.64 21.96 7.89
N VAL B 182 6.92 22.40 8.33
CA VAL B 182 7.82 23.38 7.64
C VAL B 182 9.26 22.87 7.56
N VAL B 183 10.05 22.94 6.47
CA VAL B 183 11.46 22.56 6.57
C VAL B 183 12.34 23.82 6.35
N ILE B 184 13.17 23.98 7.53
CA ILE B 184 14.28 24.94 7.57
C ILE B 184 15.57 24.25 7.17
N GLU B 185 15.98 24.67 5.94
CA GLU B 185 17.30 24.31 5.43
C GLU B 185 18.20 25.51 5.04
N GLU B 186 19.51 25.37 5.27
CA GLU B 186 20.47 26.42 4.98
C GLU B 186 20.27 26.79 3.50
N PHE B 187 20.72 27.99 3.11
CA PHE B 187 20.70 28.46 1.72
C PHE B 187 22.02 28.08 0.98
N LEU B 188 21.96 27.53 -0.25
CA LEU B 188 23.18 27.04 -0.90
C LEU B 188 23.52 27.90 -2.08
N GLU B 189 24.77 27.91 -2.51
CA GLU B 189 25.15 28.81 -3.60
C GLU B 189 25.96 28.10 -4.69
N GLY B 190 25.55 28.36 -5.92
CA GLY B 190 26.14 27.73 -7.10
C GLY B 190 25.18 27.84 -8.31
N GLU B 191 25.46 27.03 -9.32
CA GLU B 191 24.50 26.84 -10.36
C GLU B 191 23.53 25.65 -10.10
N GLU B 192 22.25 25.96 -10.05
CA GLU B 192 21.11 25.04 -10.21
C GLU B 192 21.10 24.26 -11.57
N ALA B 193 20.92 22.93 -11.53
CA ALA B 193 20.49 22.14 -12.72
C ALA B 193 19.66 20.96 -12.23
N SER B 194 19.18 20.15 -13.19
CA SER B 194 18.36 18.96 -12.93
C SER B 194 18.99 17.66 -13.50
N TYR B 195 19.05 16.59 -12.68
CA TYR B 195 19.35 15.26 -13.21
C TYR B 195 18.15 14.33 -13.12
N ILE B 196 17.70 13.78 -14.24
CA ILE B 196 16.54 12.90 -14.21
C ILE B 196 16.98 11.49 -14.61
N VAL B 197 16.43 10.49 -13.94
CA VAL B 197 16.66 9.18 -14.29
C VAL B 197 15.30 8.39 -14.40
N MET B 198 15.25 7.33 -15.26
CA MET B 198 14.27 6.21 -14.96
C MET B 198 14.79 5.11 -13.91
N ILE B 199 13.99 4.75 -12.91
CA ILE B 199 14.37 3.79 -11.84
C ILE B 199 13.39 2.63 -11.88
N ASN B 200 13.90 1.42 -12.01
CA ASN B 200 13.05 0.25 -11.73
C ASN B 200 13.69 -0.72 -10.62
N GLY B 201 13.57 -0.39 -9.33
CA GLY B 201 14.07 -1.25 -8.27
C GLY B 201 15.57 -1.06 -8.33
N ASP B 202 16.36 -2.12 -8.44
CA ASP B 202 17.83 -2.06 -8.51
C ASP B 202 18.44 -1.43 -9.82
N ARG B 203 17.65 -1.22 -10.90
CA ARG B 203 18.20 -0.62 -12.13
C ARG B 203 17.82 0.82 -12.33
N TYR B 204 18.67 1.61 -12.99
CA TYR B 204 18.27 2.97 -13.33
C TYR B 204 18.92 3.31 -14.65
N VAL B 205 18.17 3.87 -15.66
CA VAL B 205 18.71 4.49 -16.90
C VAL B 205 18.52 5.98 -16.67
N PRO B 206 19.64 6.80 -16.69
CA PRO B 206 19.39 8.23 -16.81
C PRO B 206 18.93 8.84 -18.14
N LEU B 207 18.42 10.04 -17.99
CA LEU B 207 17.69 10.71 -18.96
C LEU B 207 18.59 11.93 -19.16
N PRO B 208 18.56 12.62 -20.36
CA PRO B 208 19.30 13.83 -20.66
C PRO B 208 19.21 14.91 -19.62
N THR B 209 20.29 15.71 -19.51
CA THR B 209 20.43 16.74 -18.47
C THR B 209 19.75 18.06 -18.94
N SER B 210 19.48 19.04 -18.03
CA SER B 210 18.56 20.17 -18.37
C SER B 210 18.70 21.30 -17.37
N GLN B 211 18.46 22.53 -17.78
CA GLN B 211 18.40 23.56 -16.72
C GLN B 211 17.05 24.22 -16.87
N ASP B 212 16.40 24.49 -15.71
CA ASP B 212 15.09 25.20 -15.57
C ASP B 212 15.34 26.69 -15.47
N HIS B 213 14.33 27.52 -15.70
CA HIS B 213 14.46 28.95 -15.34
C HIS B 213 13.22 29.38 -14.51
N LYS B 214 13.33 29.31 -13.19
CA LYS B 214 12.17 29.35 -12.31
C LYS B 214 11.50 30.74 -12.15
N ARG B 215 12.29 31.78 -12.27
CA ARG B 215 11.87 33.14 -11.84
C ARG B 215 11.21 33.83 -13.02
N LEU B 216 10.25 34.73 -12.79
CA LEU B 216 9.35 35.16 -13.87
C LEU B 216 9.98 36.02 -14.85
N LEU B 217 10.97 36.85 -14.40
CA LEU B 217 11.61 37.82 -15.35
C LEU B 217 13.08 37.58 -15.62
N ASP B 218 13.47 38.17 -16.85
CA ASP B 218 14.88 38.26 -17.19
C ASP B 218 15.62 38.78 -15.99
N GLU B 219 16.87 38.35 -15.93
CA GLU B 219 17.90 38.38 -14.88
C GLU B 219 17.46 37.87 -13.52
N ASP B 220 16.71 36.76 -13.50
CA ASP B 220 16.00 35.94 -12.52
C ASP B 220 15.54 36.81 -11.46
N LYS B 221 14.78 37.69 -11.96
CA LYS B 221 13.99 38.61 -11.18
C LYS B 221 12.52 38.19 -11.18
N GLY B 222 11.74 38.61 -10.23
CA GLY B 222 10.32 38.58 -10.40
C GLY B 222 9.98 37.51 -9.42
N PRO B 223 8.67 37.14 -9.35
CA PRO B 223 8.26 36.11 -8.40
C PRO B 223 8.74 34.72 -8.86
N ASN B 224 8.75 33.76 -7.98
CA ASN B 224 9.07 32.48 -8.45
C ASN B 224 7.84 31.86 -9.16
N THR B 225 8.09 31.10 -10.25
CA THR B 225 7.02 30.49 -11.05
C THR B 225 7.10 28.96 -11.20
N GLY B 226 6.28 28.36 -12.05
CA GLY B 226 6.46 26.90 -12.28
C GLY B 226 7.54 26.50 -13.26
N GLY B 227 8.20 27.45 -13.87
CA GLY B 227 9.41 27.21 -14.66
C GLY B 227 9.07 27.94 -15.98
N MET B 228 9.95 28.84 -16.39
CA MET B 228 9.75 29.65 -17.52
C MET B 228 10.52 29.20 -18.76
N GLY B 229 11.38 28.17 -18.67
CA GLY B 229 11.84 27.55 -19.93
C GLY B 229 12.89 26.64 -19.35
N ALA B 230 13.42 25.80 -20.23
CA ALA B 230 14.49 24.86 -19.95
C ALA B 230 15.24 24.54 -21.20
N TYR B 231 16.42 23.96 -21.02
CA TYR B 231 17.21 23.44 -22.24
C TYR B 231 18.01 22.19 -21.78
N SER B 232 18.46 21.43 -22.81
CA SER B 232 19.23 20.23 -22.71
C SER B 232 20.30 20.20 -23.82
N PRO B 233 21.53 19.67 -23.57
CA PRO B 233 22.11 19.31 -22.27
C PRO B 233 22.57 20.58 -21.55
N THR B 234 22.76 20.52 -20.27
CA THR B 234 23.31 21.67 -19.60
C THR B 234 24.80 21.41 -19.21
N PRO B 235 25.71 22.28 -19.72
CA PRO B 235 27.15 22.15 -19.46
C PRO B 235 27.51 22.37 -17.94
N VAL B 236 26.57 22.78 -17.07
CA VAL B 236 26.63 22.74 -15.58
C VAL B 236 27.06 21.41 -14.94
N ILE B 237 26.35 20.37 -15.44
CA ILE B 237 26.55 18.92 -15.17
C ILE B 237 27.48 18.45 -16.28
N ASN B 238 28.78 18.67 -15.96
CA ASN B 238 29.68 17.99 -16.87
C ASN B 238 29.94 16.56 -16.40
N GLU B 239 30.94 15.99 -17.16
CA GLU B 239 31.50 14.69 -16.82
C GLU B 239 32.06 14.44 -15.33
N GLU B 240 32.84 15.30 -14.69
CA GLU B 240 33.12 14.99 -13.23
C GLU B 240 31.82 14.96 -12.45
N VAL B 241 30.93 15.91 -12.78
CA VAL B 241 29.72 16.21 -11.97
C VAL B 241 28.70 15.08 -12.18
N GLU B 242 28.58 14.64 -13.42
CA GLU B 242 27.67 13.55 -13.71
C GLU B 242 28.01 12.34 -12.78
N LYS B 243 29.27 11.83 -12.90
CA LYS B 243 29.86 10.81 -12.00
C LYS B 243 29.59 11.05 -10.52
N ARG B 244 29.71 12.27 -10.04
CA ARG B 244 29.33 12.53 -8.64
C ARG B 244 27.84 12.38 -8.36
N ILE B 245 27.07 12.85 -9.35
CA ILE B 245 25.60 12.72 -9.17
C ILE B 245 25.08 11.27 -9.17
N ARG B 246 25.60 10.43 -10.09
CA ARG B 246 25.18 9.01 -10.09
C ARG B 246 25.64 8.15 -8.87
N GLU B 247 26.91 8.35 -8.56
CA GLU B 247 27.48 7.83 -7.37
C GLU B 247 26.94 8.28 -6.04
N GLU B 248 27.05 9.55 -5.66
CA GLU B 248 26.53 10.02 -4.34
C GLU B 248 25.04 10.29 -4.18
N ILE B 249 24.32 10.38 -5.40
CA ILE B 249 22.98 10.85 -5.26
C ILE B 249 22.01 9.72 -5.73
N VAL B 250 22.11 9.31 -7.02
CA VAL B 250 21.18 8.30 -7.50
C VAL B 250 21.39 6.91 -6.80
N GLU B 251 22.61 6.36 -6.95
CA GLU B 251 22.97 5.02 -6.39
C GLU B 251 22.82 4.88 -4.89
N ARG B 252 23.01 5.98 -4.12
CA ARG B 252 22.55 5.98 -2.70
C ARG B 252 21.03 6.10 -2.45
N VAL B 253 20.34 6.96 -3.22
CA VAL B 253 18.92 6.99 -3.24
C VAL B 253 18.54 5.51 -3.38
N ILE B 254 18.88 4.89 -4.55
CA ILE B 254 18.74 3.43 -4.82
C ILE B 254 19.16 2.38 -3.71
N LYS B 255 20.23 2.58 -2.96
CA LYS B 255 20.43 1.65 -1.80
C LYS B 255 19.52 2.04 -0.67
N GLY B 256 19.27 3.35 -0.51
CA GLY B 256 18.26 3.79 0.39
C GLY B 256 16.92 3.05 0.25
N LEU B 257 16.40 2.97 -0.98
CA LEU B 257 15.06 2.51 -1.21
C LEU B 257 14.99 1.07 -0.80
N LYS B 258 16.11 0.41 -0.92
CA LYS B 258 16.13 -1.03 -0.84
C LYS B 258 16.23 -1.41 0.66
N GLU B 259 17.02 -0.64 1.45
CA GLU B 259 17.14 -0.91 2.90
C GLU B 259 15.84 -0.63 3.60
N GLU B 260 14.98 0.12 2.90
CA GLU B 260 13.62 0.40 3.38
C GLU B 260 12.54 -0.57 2.86
N GLY B 261 12.98 -1.60 2.15
CA GLY B 261 12.11 -2.34 1.26
C GLY B 261 11.01 -1.46 0.71
N ILE B 262 11.40 -0.30 0.16
CA ILE B 262 10.41 0.54 -0.63
C ILE B 262 10.47 0.24 -2.16
N TYR B 263 9.39 -0.19 -2.80
CA TYR B 263 9.61 -0.49 -4.21
C TYR B 263 9.23 0.75 -5.12
N TYR B 264 10.23 1.23 -5.85
CA TYR B 264 10.23 2.42 -6.72
C TYR B 264 10.37 1.99 -8.22
N ARG B 265 9.25 2.10 -8.94
CA ARG B 265 9.29 1.97 -10.38
C ARG B 265 8.87 3.35 -10.98
N GLY B 266 9.65 3.98 -11.87
CA GLY B 266 9.25 5.30 -12.42
C GLY B 266 10.33 6.36 -12.75
N PHE B 267 9.93 7.61 -13.02
CA PHE B 267 10.93 8.74 -13.03
C PHE B 267 11.34 9.27 -11.60
N LEU B 268 12.62 9.62 -11.44
CA LEU B 268 13.12 10.36 -10.30
C LEU B 268 13.92 11.62 -10.76
N TYR B 269 13.36 12.76 -10.45
CA TYR B 269 13.92 13.94 -10.91
C TYR B 269 14.73 14.50 -9.72
N ALA B 270 16.03 14.76 -9.91
CA ALA B 270 16.82 15.47 -8.86
C ALA B 270 16.90 16.95 -9.16
N GLY B 271 16.20 17.78 -8.36
CA GLY B 271 16.57 19.21 -8.26
C GLY B 271 17.83 19.66 -7.46
N LEU B 272 18.84 20.09 -8.20
CA LEU B 272 20.22 20.31 -7.72
C LEU B 272 20.80 21.74 -7.63
N MET B 273 21.62 21.93 -6.57
CA MET B 273 22.63 22.98 -6.46
C MET B 273 23.94 22.33 -6.77
N ILE B 274 24.56 22.66 -7.90
CA ILE B 274 25.97 22.37 -8.04
C ILE B 274 26.71 23.47 -7.18
N THR B 275 26.89 23.18 -5.88
CA THR B 275 27.66 23.99 -4.93
C THR B 275 29.13 23.74 -5.29
N LYS B 276 30.07 24.55 -4.74
CA LYS B 276 31.51 24.21 -4.87
C LYS B 276 31.82 22.85 -4.20
N GLU B 277 31.15 22.53 -3.09
CA GLU B 277 31.36 21.24 -2.40
C GLU B 277 30.60 20.04 -3.06
N GLY B 278 30.62 19.99 -4.39
CA GLY B 278 29.94 18.94 -5.19
C GLY B 278 28.46 19.18 -5.33
N PRO B 279 27.73 18.34 -6.11
CA PRO B 279 26.30 18.59 -6.28
C PRO B 279 25.48 18.15 -5.05
N LYS B 280 24.51 18.96 -4.63
CA LYS B 280 23.54 18.60 -3.58
C LYS B 280 22.04 18.68 -4.00
N VAL B 281 21.19 17.84 -3.38
CA VAL B 281 19.75 17.82 -3.63
C VAL B 281 18.97 18.86 -2.80
N LEU B 282 18.32 19.73 -3.59
CA LEU B 282 17.35 20.76 -3.10
C LEU B 282 16.03 20.04 -2.82
N GLU B 283 15.71 19.15 -3.75
CA GLU B 283 14.55 18.23 -3.72
C GLU B 283 14.56 17.13 -4.79
N PHE B 284 13.68 16.13 -4.52
CA PHE B 284 13.32 15.09 -5.46
C PHE B 284 12.03 15.32 -5.91
N ASN B 285 11.81 15.02 -7.17
CA ASN B 285 10.49 14.90 -7.76
C ASN B 285 10.29 13.46 -8.23
N VAL B 286 9.08 12.94 -8.16
CA VAL B 286 8.84 11.58 -8.45
C VAL B 286 8.21 11.41 -9.87
N ARG B 287 8.56 12.39 -10.71
CA ARG B 287 8.11 12.58 -12.08
C ARG B 287 9.04 13.46 -12.89
N LEU B 288 8.63 13.68 -14.15
CA LEU B 288 9.27 14.61 -15.07
C LEU B 288 9.03 15.99 -14.59
N GLY B 289 10.00 16.89 -14.82
CA GLY B 289 9.76 18.28 -14.66
C GLY B 289 9.07 18.89 -15.85
N ASP B 290 8.35 19.96 -15.49
CA ASP B 290 7.76 20.92 -16.37
C ASP B 290 8.41 22.34 -16.20
N PRO B 291 9.17 22.84 -17.17
CA PRO B 291 9.23 22.43 -18.63
C PRO B 291 10.47 21.58 -18.98
N GLU B 292 11.20 21.05 -17.98
CA GLU B 292 12.40 20.20 -18.31
C GLU B 292 12.08 19.08 -19.26
N ALA B 293 11.03 18.45 -19.05
CA ALA B 293 10.66 17.30 -19.85
C ALA B 293 10.49 17.64 -21.34
N GLN B 294 10.12 18.91 -21.63
CA GLN B 294 10.07 19.33 -23.03
C GLN B 294 11.26 19.04 -23.95
N PRO B 295 12.37 19.67 -23.50
CA PRO B 295 13.66 19.50 -24.19
C PRO B 295 14.35 18.08 -24.03
N ILE B 296 14.41 17.48 -22.83
CA ILE B 296 14.84 16.09 -22.45
C ILE B 296 14.29 15.18 -23.49
N LEU B 297 12.97 15.25 -23.63
CA LEU B 297 12.20 14.42 -24.48
C LEU B 297 12.43 14.69 -25.97
N MET B 298 12.79 15.95 -26.33
CA MET B 298 13.12 16.19 -27.72
C MET B 298 14.42 15.49 -28.10
N ARG B 299 15.25 15.17 -27.14
CA ARG B 299 16.64 14.86 -27.35
C ARG B 299 16.65 13.32 -27.32
N VAL B 300 15.56 12.72 -26.93
CA VAL B 300 15.51 11.22 -26.93
C VAL B 300 15.23 10.62 -28.34
N LYS B 301 16.22 9.93 -28.96
CA LYS B 301 16.24 9.61 -30.36
C LYS B 301 15.51 8.35 -30.69
N ASN B 302 15.65 7.38 -29.78
CA ASN B 302 15.01 6.01 -29.93
C ASN B 302 13.54 6.03 -29.50
N ASP B 303 12.85 4.91 -29.41
CA ASP B 303 11.45 4.84 -29.32
C ASP B 303 11.27 4.83 -27.84
N PHE B 304 10.68 5.84 -27.23
CA PHE B 304 10.70 6.03 -25.82
C PHE B 304 9.63 5.20 -25.19
N LEU B 305 8.52 4.95 -25.89
CA LEU B 305 7.47 4.05 -25.43
C LEU B 305 8.03 2.61 -25.23
N GLU B 306 8.56 2.01 -26.31
CA GLU B 306 9.34 0.84 -26.12
C GLU B 306 10.40 0.88 -25.11
N THR B 307 11.26 1.85 -25.09
CA THR B 307 12.09 1.97 -23.87
C THR B 307 11.34 1.87 -22.52
N LEU B 308 10.22 2.55 -22.45
CA LEU B 308 9.42 2.51 -21.22
C LEU B 308 8.78 1.17 -20.87
N LEU B 309 8.12 0.63 -21.86
CA LEU B 309 7.52 -0.72 -21.76
C LEU B 309 8.57 -1.74 -21.29
N ASN B 310 9.73 -1.77 -21.96
CA ASN B 310 10.82 -2.71 -21.63
C ASN B 310 11.25 -2.49 -20.25
N PHE B 311 11.77 -1.30 -19.95
CA PHE B 311 12.14 -0.94 -18.57
C PHE B 311 11.06 -1.31 -17.51
N TYR B 312 9.79 -1.21 -17.93
CA TYR B 312 8.66 -1.40 -17.00
C TYR B 312 8.71 -2.80 -16.38
N GLU B 313 9.10 -3.70 -17.25
CA GLU B 313 9.15 -5.06 -16.86
C GLU B 313 10.47 -5.74 -16.76
N GLY B 314 11.57 -5.04 -16.80
CA GLY B 314 12.72 -5.67 -16.24
C GLY B 314 13.81 -5.91 -17.20
N LYS B 315 13.43 -5.84 -18.49
CA LYS B 315 14.37 -5.75 -19.60
C LYS B 315 15.18 -4.46 -19.53
N ASP B 316 16.08 -4.54 -20.52
CA ASP B 316 17.26 -3.75 -20.53
C ASP B 316 17.03 -2.88 -21.70
N VAL B 317 17.47 -1.62 -21.52
CA VAL B 317 17.13 -0.56 -22.48
C VAL B 317 18.33 0.38 -22.55
N HIS B 318 18.48 1.17 -23.61
CA HIS B 318 19.25 2.39 -23.49
C HIS B 318 18.43 3.68 -23.88
N ILE B 319 19.00 4.87 -23.67
CA ILE B 319 18.48 6.06 -24.29
C ILE B 319 19.51 6.60 -25.35
N LYS B 320 19.24 6.62 -26.69
CA LYS B 320 20.15 7.46 -27.55
C LYS B 320 19.82 8.94 -27.49
N GLU B 321 20.77 9.72 -27.00
CA GLU B 321 20.59 11.07 -26.74
C GLU B 321 20.93 11.78 -28.03
N ASP B 322 20.13 12.82 -28.41
CA ASP B 322 20.35 13.63 -29.63
C ASP B 322 21.55 14.54 -29.41
N GLU B 323 22.27 14.77 -30.46
CA GLU B 323 23.54 15.55 -30.52
C GLU B 323 23.19 17.03 -30.54
N ARG B 324 22.09 17.37 -31.21
CA ARG B 324 21.43 18.73 -31.05
C ARG B 324 20.98 19.12 -29.68
N TYR B 325 21.22 20.35 -29.30
CA TYR B 325 20.63 21.02 -28.17
C TYR B 325 19.17 21.23 -28.38
N ALA B 326 18.41 21.33 -27.31
CA ALA B 326 16.96 21.59 -27.49
C ALA B 326 16.58 22.55 -26.40
N LEU B 327 15.80 23.56 -26.77
CA LEU B 327 15.54 24.69 -25.86
C LEU B 327 14.02 25.00 -25.96
N ASP B 328 13.38 25.06 -24.79
CA ASP B 328 11.95 25.50 -24.53
C ASP B 328 11.84 26.96 -23.94
N VAL B 329 11.36 27.88 -24.74
CA VAL B 329 10.78 29.13 -24.10
C VAL B 329 9.24 29.04 -23.65
N VAL B 330 8.91 29.21 -22.40
CA VAL B 330 7.51 29.25 -21.99
C VAL B 330 6.81 30.61 -22.28
N LEU B 331 5.73 30.64 -23.01
CA LEU B 331 4.80 31.80 -22.97
C LEU B 331 3.68 31.83 -21.89
N ALA B 332 3.69 32.80 -20.96
CA ALA B 332 2.77 32.85 -19.84
C ALA B 332 1.69 33.93 -20.13
N SER B 333 0.51 33.75 -19.53
CA SER B 333 -0.33 34.91 -19.49
C SER B 333 -0.01 36.03 -18.44
N ARG B 334 -0.37 37.25 -18.84
CA ARG B 334 -0.55 38.25 -17.85
C ARG B 334 -1.15 37.69 -16.55
N GLY B 335 -0.60 38.11 -15.40
CA GLY B 335 -1.14 37.64 -14.18
C GLY B 335 -0.43 36.47 -13.58
N TYR B 336 0.10 35.46 -14.29
CA TYR B 336 1.07 34.48 -13.84
C TYR B 336 2.37 35.06 -13.09
N PRO B 337 2.56 34.29 -12.03
CA PRO B 337 1.95 33.15 -11.32
C PRO B 337 0.57 33.23 -10.81
N GLU B 338 -0.13 34.35 -10.48
CA GLU B 338 -0.70 34.92 -9.24
C GLU B 338 -2.16 34.86 -9.34
N LYS B 339 -2.89 35.59 -10.20
CA LYS B 339 -4.07 35.19 -11.04
C LYS B 339 -3.82 35.58 -12.47
N PRO B 340 -3.52 34.80 -13.52
CA PRO B 340 -3.80 34.66 -14.95
C PRO B 340 -5.19 35.03 -15.34
N GLU B 341 -5.22 36.09 -16.18
CA GLU B 341 -6.13 36.35 -17.27
C GLU B 341 -6.01 35.21 -18.23
N THR B 342 -7.26 34.66 -18.34
CA THR B 342 -7.40 33.66 -19.41
C THR B 342 -8.44 34.06 -20.53
N GLY B 343 -8.64 33.05 -21.40
CA GLY B 343 -9.69 33.22 -22.42
C GLY B 343 -9.19 34.09 -23.59
N LYS B 344 -7.87 34.32 -23.85
CA LYS B 344 -7.43 35.12 -25.00
C LYS B 344 -7.17 34.27 -26.17
N ILE B 345 -7.64 34.68 -27.35
CA ILE B 345 -7.24 34.08 -28.57
C ILE B 345 -5.73 34.03 -28.90
N ILE B 346 -5.41 32.95 -29.65
CA ILE B 346 -3.96 32.70 -29.57
C ILE B 346 -3.74 32.62 -31.06
N HIS B 347 -2.90 33.50 -31.61
CA HIS B 347 -2.87 33.60 -33.04
C HIS B 347 -1.53 33.02 -33.49
N GLY B 348 -1.56 32.60 -34.72
CA GLY B 348 -0.43 32.14 -35.38
C GLY B 348 0.25 30.78 -35.13
N LEU B 349 -0.41 29.92 -34.39
CA LEU B 349 -0.01 28.52 -34.30
C LEU B 349 0.39 27.72 -35.51
N ASP B 350 -0.29 28.04 -36.63
CA ASP B 350 -0.16 27.32 -37.87
C ASP B 350 1.07 27.67 -38.62
N TYR B 351 1.66 28.83 -38.29
CA TYR B 351 2.92 29.24 -38.95
C TYR B 351 4.02 28.37 -38.44
N LEU B 352 3.86 27.92 -37.18
CA LEU B 352 4.88 27.18 -36.44
C LEU B 352 5.02 25.73 -36.81
N LYS B 353 3.93 25.21 -37.37
CA LYS B 353 3.91 23.89 -37.88
C LYS B 353 4.84 23.63 -39.08
N SER B 354 5.32 24.62 -39.83
CA SER B 354 6.19 24.33 -41.00
C SER B 354 7.50 24.92 -40.84
N MET B 355 7.90 25.57 -39.70
CA MET B 355 9.18 26.00 -39.20
C MET B 355 9.74 24.79 -38.61
N GLU B 356 10.66 24.42 -39.46
CA GLU B 356 11.72 23.51 -39.32
C GLU B 356 12.46 23.67 -38.00
N ASP B 357 12.70 22.48 -37.45
CA ASP B 357 13.33 22.39 -36.05
C ASP B 357 12.62 23.17 -34.95
N VAL B 358 11.45 23.59 -35.10
CA VAL B 358 10.52 24.11 -34.09
C VAL B 358 9.53 23.02 -33.71
N VAL B 359 9.39 22.85 -32.41
CA VAL B 359 8.40 21.99 -31.83
C VAL B 359 7.53 22.82 -30.81
N VAL B 360 6.22 22.78 -30.91
CA VAL B 360 5.41 23.59 -29.97
C VAL B 360 4.62 22.61 -29.08
N PHE B 361 4.72 22.81 -27.73
CA PHE B 361 4.01 22.06 -26.78
C PHE B 361 2.97 22.94 -25.98
N HIS B 362 1.71 22.53 -26.09
CA HIS B 362 0.63 23.21 -25.39
C HIS B 362 0.61 22.79 -23.93
N ALA B 363 0.73 23.71 -22.98
CA ALA B 363 0.23 23.79 -21.61
C ALA B 363 -1.28 24.12 -21.66
N GLY B 364 -1.74 25.15 -20.86
CA GLY B 364 -3.02 25.87 -20.79
C GLY B 364 -3.59 26.44 -22.11
N THR B 365 -4.14 25.50 -22.97
CA THR B 365 -4.86 25.94 -24.19
C THR B 365 -6.18 25.20 -24.25
N LYS B 366 -7.20 25.88 -24.70
CA LYS B 366 -8.44 25.24 -24.80
C LYS B 366 -9.07 25.69 -26.16
N LYS B 367 -10.24 25.12 -26.56
CA LYS B 367 -10.91 25.34 -27.84
C LYS B 367 -12.14 26.19 -27.49
N GLU B 368 -12.40 27.33 -28.20
CA GLU B 368 -13.66 28.17 -27.93
C GLU B 368 -14.28 28.21 -29.30
N GLY B 369 -14.87 27.07 -29.73
CA GLY B 369 -15.27 26.85 -31.12
C GLY B 369 -14.16 26.71 -32.18
N ASN B 370 -13.99 27.68 -33.08
CA ASN B 370 -12.83 27.52 -33.95
C ASN B 370 -11.59 28.36 -33.56
N PHE B 371 -11.50 28.83 -32.32
CA PHE B 371 -10.32 29.44 -31.78
C PHE B 371 -9.67 28.56 -30.72
N THR B 372 -8.33 28.66 -30.64
CA THR B 372 -7.55 28.31 -29.49
C THR B 372 -7.42 29.46 -28.59
N VAL B 373 -7.51 29.29 -27.26
CA VAL B 373 -7.60 30.42 -26.32
C VAL B 373 -6.85 29.96 -25.06
N THR B 374 -6.24 30.89 -24.34
CA THR B 374 -5.58 30.53 -23.11
C THR B 374 -6.59 29.94 -22.20
N SER B 375 -6.12 28.90 -21.44
CA SER B 375 -6.89 28.45 -20.29
C SER B 375 -6.09 28.51 -18.97
N GLY B 376 -4.89 29.13 -18.92
CA GLY B 376 -4.02 28.90 -17.76
C GLY B 376 -2.89 29.84 -17.67
N GLY B 377 -2.16 29.81 -16.58
CA GLY B 377 -0.91 30.53 -16.34
C GLY B 377 0.17 30.36 -17.39
N ARG B 378 0.71 29.15 -17.49
CA ARG B 378 1.49 28.81 -18.61
C ARG B 378 0.69 28.31 -19.73
N VAL B 379 1.01 28.83 -20.90
CA VAL B 379 0.20 28.58 -22.10
C VAL B 379 0.86 27.75 -23.24
N LEU B 380 2.11 28.17 -23.62
CA LEU B 380 2.75 27.59 -24.79
C LEU B 380 4.21 27.35 -24.47
N ASN B 381 4.84 26.37 -25.11
CA ASN B 381 6.28 26.12 -25.03
C ASN B 381 6.65 26.14 -26.50
N VAL B 382 7.38 27.20 -26.91
CA VAL B 382 7.95 27.23 -28.23
C VAL B 382 9.41 26.73 -28.03
N CYS B 383 9.71 25.57 -28.58
CA CYS B 383 10.96 24.86 -28.47
C CYS B 383 11.61 24.78 -29.79
N ALA B 384 12.92 24.63 -29.72
CA ALA B 384 13.65 24.40 -30.85
C ALA B 384 14.91 23.51 -30.57
N TYR B 385 15.35 22.90 -31.61
CA TYR B 385 16.67 22.23 -31.87
C TYR B 385 17.74 23.24 -32.33
N GLY B 386 18.96 23.03 -31.90
CA GLY B 386 20.07 23.71 -32.56
C GLY B 386 21.34 22.93 -32.50
N LYS B 387 22.22 23.21 -33.45
CA LYS B 387 23.52 22.52 -33.54
C LYS B 387 24.35 22.99 -32.37
N THR B 388 24.16 24.28 -31.97
CA THR B 388 24.79 25.01 -30.85
C THR B 388 23.67 25.44 -29.96
N LEU B 389 23.90 25.61 -28.65
CA LEU B 389 22.83 26.16 -27.80
C LEU B 389 22.34 27.54 -28.23
N LYS B 390 23.24 28.43 -28.54
CA LYS B 390 22.95 29.67 -29.13
C LYS B 390 21.97 29.69 -30.33
N GLU B 391 22.22 28.85 -31.34
CA GLU B 391 21.28 28.53 -32.35
C GLU B 391 19.82 28.00 -32.03
N ALA B 392 19.66 27.26 -30.93
CA ALA B 392 18.44 26.67 -30.52
C ALA B 392 17.66 27.80 -29.93
N LYS B 393 18.35 28.68 -29.23
CA LYS B 393 17.76 29.82 -28.55
C LYS B 393 17.25 30.82 -29.61
N GLU B 394 18.09 31.15 -30.57
CA GLU B 394 17.75 32.02 -31.60
C GLU B 394 16.56 31.58 -32.40
N ARG B 395 16.43 30.25 -32.51
CA ARG B 395 15.45 29.60 -33.43
C ARG B 395 14.11 29.57 -32.70
N ALA B 396 14.15 29.44 -31.37
CA ALA B 396 12.95 29.35 -30.60
C ALA B 396 12.24 30.71 -30.66
N TYR B 397 13.02 31.83 -30.54
CA TYR B 397 12.70 33.25 -30.54
C TYR B 397 12.25 33.78 -31.89
N GLU B 398 12.94 33.41 -32.97
CA GLU B 398 12.37 33.46 -34.28
C GLU B 398 10.94 32.90 -34.37
N ALA B 399 10.72 31.75 -33.80
CA ALA B 399 9.35 31.12 -33.88
C ALA B 399 8.39 31.98 -33.07
N ILE B 400 8.71 32.45 -31.87
CA ILE B 400 7.85 33.33 -31.08
C ILE B 400 7.21 34.59 -31.81
N ARG B 401 7.95 35.26 -32.72
CA ARG B 401 7.57 36.39 -33.52
C ARG B 401 6.33 36.06 -34.36
N TYR B 402 6.06 34.77 -34.48
CA TYR B 402 4.94 34.45 -35.36
C TYR B 402 3.70 33.99 -34.59
N VAL B 403 3.75 34.00 -33.30
CA VAL B 403 2.61 33.43 -32.56
C VAL B 403 2.14 34.53 -31.52
N CYS B 404 0.94 34.63 -31.10
CA CYS B 404 0.64 35.76 -30.25
C CYS B 404 -0.67 35.68 -29.40
N PHE B 405 -0.74 36.24 -28.14
CA PHE B 405 -1.95 36.42 -27.41
C PHE B 405 -1.77 37.66 -26.56
N GLU B 406 -2.87 38.29 -26.20
CA GLU B 406 -2.82 39.50 -25.45
C GLU B 406 -2.24 39.19 -24.11
N GLY B 407 -1.20 39.93 -23.73
CA GLY B 407 -0.68 39.84 -22.42
C GLY B 407 0.45 38.82 -22.35
N MET B 408 0.70 38.08 -23.46
CA MET B 408 1.90 37.18 -23.53
C MET B 408 3.12 37.76 -22.81
N HIS B 409 3.46 37.12 -21.68
CA HIS B 409 4.80 37.31 -21.14
C HIS B 409 5.76 36.07 -21.48
N TYR B 410 7.03 36.31 -21.81
CA TYR B 410 8.07 35.34 -21.83
C TYR B 410 9.44 35.95 -21.47
N ARG B 411 10.33 35.08 -20.98
CA ARG B 411 11.73 35.58 -20.73
C ARG B 411 12.59 35.43 -22.01
N LYS B 412 13.57 36.32 -22.09
CA LYS B 412 14.37 36.42 -23.28
C LYS B 412 15.83 35.88 -23.12
N ASP B 413 16.11 35.37 -21.93
CA ASP B 413 17.47 35.11 -21.43
C ASP B 413 17.46 33.59 -21.26
N ILE B 414 16.59 32.82 -21.91
CA ILE B 414 16.58 31.40 -21.59
C ILE B 414 17.82 30.76 -22.21
N GLY B 415 18.61 30.06 -21.41
CA GLY B 415 19.82 29.35 -21.88
C GLY B 415 21.12 30.17 -21.62
N ASP B 416 20.89 31.44 -21.16
CA ASP B 416 21.96 32.43 -20.94
C ASP B 416 23.11 31.95 -20.06
N LYS B 417 22.81 31.55 -18.82
CA LYS B 417 23.76 30.85 -17.92
C LYS B 417 24.72 29.84 -18.47
N ALA B 418 24.37 29.11 -19.54
CA ALA B 418 25.23 28.07 -20.14
C ALA B 418 26.41 28.57 -21.04
N PHE B 419 26.44 29.86 -21.47
CA PHE B 419 27.29 30.25 -22.53
C PHE B 419 28.77 30.45 -22.01
N LYS B 420 28.87 30.83 -20.76
CA LYS B 420 30.17 30.91 -20.11
C LYS B 420 30.85 29.54 -20.09
N TYR B 421 30.11 28.43 -20.37
CA TYR B 421 30.76 27.13 -20.31
C TYR B 421 31.09 26.58 -21.66
N LEU B 422 30.61 27.23 -22.71
CA LEU B 422 30.48 26.58 -24.01
C LEU B 422 31.48 27.26 -24.91
N SER B 423 31.91 26.60 -26.00
CA SER B 423 32.88 27.29 -26.84
C SER B 423 32.80 26.96 -28.31
#